data_8FV9
#
_entry.id   8FV9
#
_cell.length_a   164.419
_cell.length_b   103.506
_cell.length_c   131.562
_cell.angle_alpha   90.000
_cell.angle_beta   90.000
_cell.angle_gamma   90.000
#
_symmetry.space_group_name_H-M   'P 21 21 2'
#
loop_
_entity.id
_entity.type
_entity.pdbx_description
1 polymer 'CTP synthase'
2 non-polymer 'MALONIC ACID'
3 non-polymer "2'-deoxy-2'-fluorocytidine 5'-(tetrahydrogen triphosphate)"
4 water water
#
_entity_poly.entity_id   1
_entity_poly.type   'polypeptide(L)'
_entity_poly.pdbx_seq_one_letter_code
;MTTNYIFVTGGVVSSLGKGIAAASLAAILEARGLNVTIMKLDPYINVDPGTMSPIQHGEVFVTEDGAETDLDLGHYERFI
RTKMSRRNNFTTGRIYSDVLRKERRGDYLGATVQVIPHITNAIKERVLEGGEGHDVVLVEIGGTVGDIESLPFLEAIRQM
AVEIGREHTLFMHLTLVPYMAASGEVKTKPTQHSVKELLSIGIQPDILICRSDRAVPANERAKIALFCNVPEKAVISLKD
VDSIYKIPGLLKSQGLDDYICKRFSLNCPEANLSEWEQVIFEEANPVSEVTIGMVGKYIELPDAYKSVIEALKHGGLKNR
VSVNIKLIDSQDVETRGVEILKGLDAILVPGGFGYRGVEGMITTARFARENNIPYLGICLGMQVALIDYARHVANMENAN
STEFVPDCKYPVVALITEWRDENGNVEVRSEKSDLGGTMRLGAQQCQLVDDSLVRQLYNAPTIVERHRHRYEVNNMLLKQ
IEDAGLRVAGRSGDDQLVEIIEVPNHPWFVACQFHPEFTSTPRDGHPLFAGFVKAASEFQKRQAK
;
_entity_poly.pdbx_strand_id   AAA,BBB
#
# COMPACT_ATOMS: atom_id res chain seq x y z
N MET A 1 33.57 28.27 -4.96
CA MET A 1 33.22 26.85 -4.64
C MET A 1 32.16 26.35 -5.64
N THR A 2 32.30 25.10 -6.08
CA THR A 2 31.46 24.44 -7.11
C THR A 2 30.03 24.24 -6.56
N THR A 3 29.01 24.52 -7.37
CA THR A 3 27.59 24.29 -7.06
C THR A 3 27.30 22.79 -7.12
N ASN A 4 26.60 22.25 -6.12
CA ASN A 4 26.23 20.81 -6.03
C ASN A 4 24.73 20.66 -6.32
N TYR A 5 24.36 19.63 -7.06
CA TYR A 5 22.95 19.34 -7.46
C TYR A 5 22.49 18.01 -6.86
N ILE A 6 21.35 18.03 -6.19
CA ILE A 6 20.62 16.80 -5.76
C ILE A 6 19.36 16.69 -6.64
N PHE A 7 19.35 15.73 -7.57
CA PHE A 7 18.19 15.44 -8.44
C PHE A 7 17.23 14.54 -7.66
N VAL A 8 16.01 15.04 -7.45
CA VAL A 8 14.96 14.34 -6.64
C VAL A 8 13.91 13.78 -7.61
N THR A 9 13.87 12.46 -7.74
CA THR A 9 12.91 11.71 -8.60
C THR A 9 11.99 10.87 -7.70
N GLY A 10 10.90 10.39 -8.27
CA GLY A 10 9.92 9.52 -7.58
C GLY A 10 9.57 8.32 -8.46
N GLY A 11 9.37 7.16 -7.83
CA GLY A 11 8.97 5.91 -8.50
C GLY A 11 7.72 5.32 -7.86
N VAL A 12 7.09 4.38 -8.58
CA VAL A 12 5.92 3.56 -8.14
C VAL A 12 4.63 4.39 -8.21
N VAL A 13 4.57 5.51 -7.49
CA VAL A 13 3.37 6.41 -7.48
C VAL A 13 3.82 7.88 -7.51
N SER A 14 2.90 8.78 -7.86
CA SER A 14 3.13 10.24 -7.96
C SER A 14 3.25 10.87 -6.56
N SER A 15 2.35 10.51 -5.64
CA SER A 15 2.05 11.25 -4.39
C SER A 15 2.95 10.79 -3.25
N LEU A 16 4.27 10.85 -3.45
CA LEU A 16 5.31 10.39 -2.49
C LEU A 16 5.69 11.50 -1.51
N GLY A 17 5.30 12.75 -1.82
CA GLY A 17 5.75 13.96 -1.10
C GLY A 17 7.18 14.34 -1.46
N LYS A 18 7.51 14.32 -2.76
CA LYS A 18 8.85 14.69 -3.29
C LYS A 18 9.19 16.13 -2.85
N GLY A 19 8.23 17.05 -2.96
CA GLY A 19 8.39 18.47 -2.59
C GLY A 19 8.73 18.65 -1.12
N ILE A 20 7.94 18.01 -0.25
CA ILE A 20 8.11 18.08 1.24
C ILE A 20 9.44 17.42 1.64
N ALA A 21 9.81 16.31 0.98
CA ALA A 21 11.09 15.59 1.20
C ALA A 21 12.27 16.49 0.83
N ALA A 22 12.22 17.11 -0.35
CA ALA A 22 13.27 18.04 -0.85
C ALA A 22 13.39 19.25 0.09
N ALA A 23 12.24 19.84 0.45
CA ALA A 23 12.13 21.03 1.32
C ALA A 23 12.68 20.72 2.71
N SER A 24 12.34 19.56 3.26
CA SER A 24 12.77 19.09 4.61
C SER A 24 14.29 18.91 4.63
N LEU A 25 14.86 18.33 3.57
CA LEU A 25 16.33 18.12 3.44
C LEU A 25 17.02 19.48 3.30
N ALA A 26 16.45 20.38 2.48
CA ALA A 26 16.96 21.76 2.28
C ALA A 26 17.04 22.49 3.63
N ALA A 27 16.02 22.32 4.49
CA ALA A 27 15.94 22.93 5.84
C ALA A 27 17.12 22.47 6.70
N ILE A 28 17.48 21.18 6.64
CA ILE A 28 18.63 20.61 7.41
C ILE A 28 19.91 21.29 6.92
N LEU A 29 20.10 21.34 5.60
CA LEU A 29 21.34 21.86 4.97
C LEU A 29 21.47 23.37 5.26
N GLU A 30 20.35 24.11 5.23
CA GLU A 30 20.34 25.56 5.57
C GLU A 30 20.76 25.74 7.04
N ALA A 31 20.29 24.85 7.92
CA ALA A 31 20.59 24.85 9.38
C ALA A 31 22.05 24.48 9.63
N ARG A 32 22.80 24.05 8.61
CA ARG A 32 24.27 23.78 8.67
C ARG A 32 25.04 24.95 8.05
N GLY A 33 24.36 26.07 7.77
CA GLY A 33 24.98 27.31 7.25
C GLY A 33 25.18 27.30 5.75
N LEU A 34 24.64 26.30 5.04
CA LEU A 34 24.80 26.18 3.56
C LEU A 34 23.80 27.11 2.86
N ASN A 35 24.22 27.66 1.72
CA ASN A 35 23.34 28.41 0.78
C ASN A 35 22.65 27.39 -0.13
N VAL A 36 21.37 27.11 0.16
N VAL A 36 21.37 27.10 0.16
CA VAL A 36 20.56 26.05 -0.52
CA VAL A 36 20.58 26.05 -0.54
C VAL A 36 19.39 26.71 -1.26
C VAL A 36 19.38 26.69 -1.25
N THR A 37 18.97 26.11 -2.38
CA THR A 37 17.73 26.48 -3.11
C THR A 37 17.09 25.19 -3.64
N ILE A 38 15.81 25.29 -3.98
CA ILE A 38 15.00 24.16 -4.54
C ILE A 38 14.35 24.66 -5.83
N MET A 39 14.12 23.74 -6.76
CA MET A 39 13.59 23.99 -8.11
CA MET A 39 13.45 24.06 -8.03
C MET A 39 12.64 22.85 -8.50
N LYS A 40 11.50 23.15 -9.13
CA LYS A 40 10.48 22.16 -9.51
C LYS A 40 10.35 22.14 -11.04
N LEU A 41 10.55 20.96 -11.64
CA LEU A 41 10.36 20.71 -13.09
C LEU A 41 9.04 19.96 -13.27
N ASP A 42 8.03 20.62 -13.82
CA ASP A 42 6.67 20.07 -14.01
CA ASP A 42 6.65 20.08 -14.02
C ASP A 42 6.53 19.56 -15.45
N PRO A 43 6.16 18.26 -15.66
CA PRO A 43 6.04 17.73 -17.02
C PRO A 43 4.73 18.07 -17.77
N TYR A 44 3.85 18.91 -17.21
CA TYR A 44 2.61 19.32 -17.91
C TYR A 44 2.96 20.37 -18.98
N ILE A 45 2.06 20.53 -19.96
CA ILE A 45 2.31 21.34 -21.19
C ILE A 45 1.89 22.79 -20.95
N ASN A 46 1.10 23.07 -19.91
CA ASN A 46 0.74 24.46 -19.50
C ASN A 46 2.04 25.26 -19.39
N VAL A 47 2.13 26.42 -20.03
CA VAL A 47 3.35 27.28 -19.96
C VAL A 47 3.62 27.63 -18.50
N ASP A 48 2.56 27.85 -17.72
CA ASP A 48 2.60 28.03 -16.24
C ASP A 48 1.21 27.74 -15.69
N PRO A 49 1.03 27.61 -14.35
CA PRO A 49 -0.29 27.33 -13.77
C PRO A 49 -1.30 28.49 -13.74
N GLY A 50 -0.93 29.66 -14.29
CA GLY A 50 -1.82 30.84 -14.37
C GLY A 50 -3.17 30.53 -14.98
N THR A 51 -3.22 29.57 -15.91
CA THR A 51 -4.46 29.14 -16.63
C THR A 51 -5.17 28.02 -15.84
N MET A 52 -4.42 27.23 -15.05
CA MET A 52 -4.90 25.97 -14.43
C MET A 52 -5.88 26.27 -13.29
N SER A 53 -6.99 25.52 -13.25
CA SER A 53 -8.09 25.65 -12.26
C SER A 53 -7.59 25.21 -10.88
N PRO A 54 -7.94 25.93 -9.80
CA PRO A 54 -7.61 25.51 -8.43
C PRO A 54 -8.11 24.11 -8.06
N ILE A 55 -9.33 23.74 -8.50
CA ILE A 55 -10.00 22.46 -8.15
C ILE A 55 -9.38 21.29 -8.93
N GLN A 56 -8.59 21.59 -9.98
CA GLN A 56 -7.86 20.57 -10.80
C GLN A 56 -6.42 20.45 -10.31
N HIS A 57 -5.73 21.58 -10.13
CA HIS A 57 -4.26 21.68 -9.92
C HIS A 57 -3.94 21.89 -8.43
N GLY A 58 -4.80 22.61 -7.70
CA GLY A 58 -4.47 23.20 -6.38
C GLY A 58 -4.15 24.67 -6.53
N GLU A 59 -3.79 25.35 -5.45
CA GLU A 59 -3.57 26.82 -5.43
C GLU A 59 -2.46 27.17 -6.43
N VAL A 60 -2.60 28.33 -7.09
CA VAL A 60 -1.48 29.00 -7.81
C VAL A 60 -0.69 29.77 -6.74
N PHE A 61 0.57 29.38 -6.51
CA PHE A 61 1.49 30.08 -5.59
C PHE A 61 2.12 31.26 -6.34
N VAL A 62 2.26 32.40 -5.67
CA VAL A 62 2.84 33.64 -6.26
C VAL A 62 4.13 33.97 -5.52
N THR A 63 5.24 34.04 -6.25
CA THR A 63 6.58 34.45 -5.74
C THR A 63 6.63 35.98 -5.67
N GLU A 64 7.63 36.53 -4.98
CA GLU A 64 7.74 38.01 -4.79
CA GLU A 64 7.81 38.01 -4.79
C GLU A 64 7.87 38.70 -6.14
N ASP A 65 8.55 38.07 -7.12
CA ASP A 65 8.77 38.63 -8.48
C ASP A 65 7.51 38.51 -9.35
N GLY A 66 6.44 37.89 -8.83
CA GLY A 66 5.11 37.85 -9.47
C GLY A 66 4.92 36.67 -10.40
N ALA A 67 5.80 35.65 -10.32
CA ALA A 67 5.67 34.40 -11.08
C ALA A 67 4.48 33.61 -10.52
N GLU A 68 3.65 33.04 -11.41
CA GLU A 68 2.58 32.08 -11.05
C GLU A 68 3.16 30.67 -11.15
N THR A 69 3.21 29.95 -10.03
CA THR A 69 4.04 28.72 -9.87
C THR A 69 3.23 27.61 -9.22
N ASP A 70 3.80 26.40 -9.25
CA ASP A 70 3.28 25.19 -8.58
C ASP A 70 3.27 25.44 -7.06
N LEU A 71 2.29 24.87 -6.34
CA LEU A 71 2.15 25.06 -4.88
C LEU A 71 3.35 24.48 -4.12
N ASP A 72 4.18 23.66 -4.79
CA ASP A 72 5.44 23.11 -4.19
C ASP A 72 6.35 24.26 -3.74
N LEU A 73 6.36 25.39 -4.45
CA LEU A 73 7.23 26.55 -4.09
C LEU A 73 6.77 27.17 -2.77
N GLY A 74 5.50 26.97 -2.41
CA GLY A 74 4.96 27.27 -1.06
C GLY A 74 5.61 26.40 0.00
N HIS A 75 5.70 25.09 -0.23
CA HIS A 75 6.45 24.14 0.62
C HIS A 75 7.89 24.66 0.79
N TYR A 76 8.54 25.03 -0.32
CA TYR A 76 9.97 25.43 -0.35
C TYR A 76 10.16 26.65 0.55
N GLU A 77 9.35 27.70 0.37
CA GLU A 77 9.47 28.98 1.13
C GLU A 77 9.11 28.76 2.61
N ARG A 78 8.28 27.76 2.92
CA ARG A 78 7.87 27.46 4.32
C ARG A 78 8.95 26.62 5.04
N PHE A 79 9.96 26.13 4.32
CA PHE A 79 11.04 25.26 4.87
C PHE A 79 12.41 25.94 4.81
N ILE A 80 12.66 26.82 3.84
CA ILE A 80 13.96 27.56 3.71
C ILE A 80 13.68 29.05 3.49
N ARG A 81 14.65 29.90 3.83
CA ARG A 81 14.55 31.37 3.80
C ARG A 81 15.01 31.90 2.43
N THR A 82 15.70 31.07 1.63
CA THR A 82 16.06 31.40 0.23
C THR A 82 14.76 31.71 -0.53
N LYS A 83 14.66 32.92 -1.08
CA LYS A 83 13.42 33.40 -1.76
C LYS A 83 13.31 32.74 -3.14
N MET A 84 12.11 32.26 -3.47
CA MET A 84 11.81 31.62 -4.78
C MET A 84 11.51 32.73 -5.80
N SER A 85 11.76 32.45 -7.08
CA SER A 85 11.46 33.33 -8.23
C SER A 85 10.94 32.47 -9.39
N ARG A 86 10.71 33.09 -10.56
CA ARG A 86 10.35 32.40 -11.82
C ARG A 86 11.37 31.28 -12.11
N ARG A 87 12.63 31.48 -11.70
CA ARG A 87 13.77 30.56 -11.99
C ARG A 87 13.63 29.22 -11.25
N ASN A 88 12.76 29.13 -10.23
CA ASN A 88 12.65 27.94 -9.35
C ASN A 88 11.50 27.02 -9.80
N ASN A 89 10.87 27.30 -10.94
CA ASN A 89 9.75 26.48 -11.46
C ASN A 89 9.62 26.70 -12.96
N PHE A 90 9.61 25.61 -13.75
CA PHE A 90 9.28 25.67 -15.19
C PHE A 90 8.66 24.34 -15.61
N THR A 91 7.92 24.38 -16.71
CA THR A 91 7.11 23.26 -17.27
C THR A 91 7.71 22.83 -18.61
N THR A 92 7.32 21.66 -19.09
CA THR A 92 7.61 21.19 -20.47
C THR A 92 7.11 22.26 -21.45
N GLY A 93 5.92 22.81 -21.18
CA GLY A 93 5.29 23.88 -21.98
C GLY A 93 6.23 25.07 -22.16
N ARG A 94 6.83 25.55 -21.07
CA ARG A 94 7.79 26.68 -21.06
C ARG A 94 8.99 26.32 -21.94
N ILE A 95 9.52 25.10 -21.79
CA ILE A 95 10.73 24.61 -22.53
C ILE A 95 10.42 24.63 -24.03
N TYR A 96 9.29 24.02 -24.45
CA TYR A 96 8.89 23.93 -25.87
C TYR A 96 8.60 25.33 -26.42
N SER A 97 7.91 26.18 -25.65
CA SER A 97 7.57 27.58 -26.02
CA SER A 97 7.57 27.58 -26.01
C SER A 97 8.86 28.34 -26.36
N ASP A 98 9.90 28.20 -25.53
CA ASP A 98 11.19 28.92 -25.67
C ASP A 98 11.97 28.35 -26.86
N VAL A 99 11.98 27.02 -27.04
CA VAL A 99 12.69 26.36 -28.17
C VAL A 99 12.01 26.76 -29.49
N LEU A 100 10.66 26.76 -29.53
CA LEU A 100 9.87 27.12 -30.74
C LEU A 100 10.10 28.60 -31.08
N ARG A 101 10.14 29.47 -30.06
CA ARG A 101 10.42 30.93 -30.22
C ARG A 101 11.79 31.09 -30.90
N LYS A 102 12.82 30.46 -30.35
CA LYS A 102 14.22 30.46 -30.89
C LYS A 102 14.24 29.91 -32.32
N GLU A 103 13.48 28.84 -32.59
CA GLU A 103 13.49 28.11 -33.89
C GLU A 103 12.86 28.98 -34.98
N ARG A 104 11.63 29.46 -34.75
CA ARG A 104 10.88 30.35 -35.69
C ARG A 104 11.70 31.62 -35.95
N ARG A 105 12.39 32.12 -34.93
CA ARG A 105 13.28 33.32 -34.99
C ARG A 105 14.48 33.03 -35.91
N GLY A 106 15.12 31.88 -35.73
CA GLY A 106 16.25 31.41 -36.57
C GLY A 106 17.56 31.28 -35.80
N ASP A 107 17.51 31.08 -34.48
CA ASP A 107 18.70 31.00 -33.58
C ASP A 107 19.46 29.69 -33.77
N TYR A 108 18.82 28.66 -34.34
CA TYR A 108 19.41 27.31 -34.55
C TYR A 108 20.07 27.22 -35.93
N LEU A 109 20.08 28.33 -36.69
CA LEU A 109 20.91 28.51 -37.92
C LEU A 109 20.61 27.39 -38.92
N GLY A 110 19.32 27.07 -39.11
CA GLY A 110 18.84 26.10 -40.12
C GLY A 110 19.04 24.64 -39.70
N ALA A 111 19.43 24.39 -38.45
CA ALA A 111 19.63 23.03 -37.93
C ALA A 111 18.27 22.35 -37.70
N THR A 112 18.22 21.03 -37.81
N THR A 112 18.24 21.02 -37.77
CA THR A 112 17.08 20.20 -37.36
CA THR A 112 17.10 20.18 -37.35
C THR A 112 17.02 20.26 -35.83
C THR A 112 17.00 20.20 -35.82
N VAL A 113 15.93 20.78 -35.27
CA VAL A 113 15.72 20.91 -33.80
C VAL A 113 15.10 19.61 -33.29
N GLN A 114 15.72 19.01 -32.28
CA GLN A 114 15.50 17.61 -31.84
C GLN A 114 15.27 17.58 -30.32
N VAL A 115 14.55 16.58 -29.81
CA VAL A 115 14.37 16.38 -28.34
C VAL A 115 15.76 16.31 -27.72
N ILE A 116 16.66 15.53 -28.32
CA ILE A 116 18.11 15.50 -27.99
C ILE A 116 18.87 15.95 -29.23
N PRO A 117 19.70 17.02 -29.18
CA PRO A 117 20.06 17.71 -27.93
C PRO A 117 19.32 19.00 -27.52
N HIS A 118 18.40 19.50 -28.35
CA HIS A 118 17.88 20.91 -28.26
C HIS A 118 16.90 21.06 -27.08
N ILE A 119 15.95 20.14 -26.89
CA ILE A 119 14.98 20.20 -25.75
C ILE A 119 15.77 19.97 -24.45
N THR A 120 16.66 18.96 -24.42
CA THR A 120 17.46 18.61 -23.22
C THR A 120 18.41 19.77 -22.88
N ASN A 121 19.02 20.42 -23.89
CA ASN A 121 19.90 21.61 -23.69
C ASN A 121 19.10 22.73 -23.02
N ALA A 122 17.88 22.99 -23.47
CA ALA A 122 17.00 24.06 -22.94
C ALA A 122 16.69 23.79 -21.46
N ILE A 123 16.47 22.51 -21.11
CA ILE A 123 16.19 22.08 -19.70
C ILE A 123 17.44 22.36 -18.85
N LYS A 124 18.61 21.88 -19.29
CA LYS A 124 19.90 22.03 -18.55
C LYS A 124 20.19 23.51 -18.31
N GLU A 125 19.97 24.35 -19.32
CA GLU A 125 20.22 25.82 -19.25
C GLU A 125 19.35 26.44 -18.15
N ARG A 126 18.08 26.05 -18.04
CA ARG A 126 17.15 26.58 -17.00
C ARG A 126 17.54 26.06 -15.62
N VAL A 127 18.02 24.81 -15.52
CA VAL A 127 18.48 24.23 -14.21
C VAL A 127 19.71 25.02 -13.74
N LEU A 128 20.69 25.23 -14.63
CA LEU A 128 21.92 26.00 -14.34
C LEU A 128 21.55 27.43 -13.91
N GLU A 129 20.62 28.07 -14.62
CA GLU A 129 20.17 29.46 -14.37
C GLU A 129 19.64 29.58 -12.94
N GLY A 130 18.80 28.64 -12.50
CA GLY A 130 18.20 28.62 -11.16
C GLY A 130 19.18 28.17 -10.08
N GLY A 131 20.18 27.37 -10.46
CA GLY A 131 21.08 26.66 -9.51
C GLY A 131 22.35 27.42 -9.19
N GLU A 132 23.07 27.91 -10.21
CA GLU A 132 24.45 28.45 -10.06
C GLU A 132 24.43 29.61 -9.08
N GLY A 133 25.42 29.64 -8.17
CA GLY A 133 25.55 30.66 -7.11
C GLY A 133 25.15 30.13 -5.74
N HIS A 134 24.68 28.88 -5.66
CA HIS A 134 24.28 28.20 -4.41
C HIS A 134 25.26 27.07 -4.10
N ASP A 135 25.34 26.65 -2.84
CA ASP A 135 26.17 25.49 -2.38
C ASP A 135 25.51 24.20 -2.86
N VAL A 136 24.21 24.07 -2.60
CA VAL A 136 23.39 22.85 -2.92
C VAL A 136 22.09 23.30 -3.60
N VAL A 137 21.78 22.68 -4.73
CA VAL A 137 20.52 22.92 -5.50
C VAL A 137 19.75 21.59 -5.53
N LEU A 138 18.57 21.54 -4.94
CA LEU A 138 17.67 20.37 -5.02
C LEU A 138 16.73 20.58 -6.21
N VAL A 139 16.74 19.64 -7.16
CA VAL A 139 15.97 19.72 -8.43
C VAL A 139 14.91 18.63 -8.41
N GLU A 140 13.65 18.99 -8.12
CA GLU A 140 12.52 18.03 -8.05
C GLU A 140 11.99 17.79 -9.46
N ILE A 141 12.02 16.53 -9.91
CA ILE A 141 11.45 16.10 -11.22
C ILE A 141 10.03 15.60 -10.97
N GLY A 142 9.04 16.32 -11.49
CA GLY A 142 7.61 15.93 -11.42
C GLY A 142 7.36 14.65 -12.20
N GLY A 143 6.32 13.91 -11.82
CA GLY A 143 5.91 12.65 -12.48
C GLY A 143 6.49 11.43 -11.78
N THR A 144 6.29 10.26 -12.38
CA THR A 144 6.78 8.94 -11.90
C THR A 144 7.73 8.38 -12.95
N VAL A 145 8.96 8.03 -12.56
CA VAL A 145 9.99 7.44 -13.46
C VAL A 145 9.37 6.24 -14.18
N GLY A 146 9.54 6.18 -15.51
CA GLY A 146 8.94 5.14 -16.37
C GLY A 146 7.88 5.72 -17.29
N ASP A 147 7.29 6.85 -16.91
CA ASP A 147 6.27 7.58 -17.71
C ASP A 147 6.99 8.39 -18.80
N ILE A 148 6.34 8.53 -19.96
N ILE A 148 6.36 8.58 -19.95
CA ILE A 148 6.82 9.27 -21.17
CA ILE A 148 6.99 9.27 -21.12
C ILE A 148 7.11 10.73 -20.80
C ILE A 148 7.10 10.78 -20.85
N GLU A 149 6.23 11.35 -20.03
CA GLU A 149 6.15 12.84 -19.84
C GLU A 149 7.45 13.41 -19.23
N SER A 150 8.22 12.63 -18.46
CA SER A 150 9.42 13.12 -17.72
CA SER A 150 9.41 13.14 -17.73
C SER A 150 10.72 12.65 -18.38
N LEU A 151 10.65 11.91 -19.49
CA LEU A 151 11.86 11.33 -20.15
C LEU A 151 12.86 12.43 -20.54
N PRO A 152 12.44 13.57 -21.15
CA PRO A 152 13.37 14.64 -21.48
C PRO A 152 14.06 15.27 -20.26
N PHE A 153 13.33 15.47 -19.16
CA PHE A 153 13.88 15.98 -17.87
C PHE A 153 14.96 15.00 -17.38
N LEU A 154 14.66 13.70 -17.39
CA LEU A 154 15.56 12.64 -16.87
C LEU A 154 16.82 12.54 -17.74
N GLU A 155 16.69 12.65 -19.07
CA GLU A 155 17.86 12.64 -20.00
C GLU A 155 18.71 13.90 -19.75
N ALA A 156 18.09 15.05 -19.52
CA ALA A 156 18.77 16.34 -19.25
C ALA A 156 19.64 16.20 -17.98
N ILE A 157 19.06 15.75 -16.88
CA ILE A 157 19.77 15.67 -15.56
C ILE A 157 20.82 14.56 -15.62
N ARG A 158 20.59 13.50 -16.40
CA ARG A 158 21.59 12.43 -16.67
C ARG A 158 22.84 13.06 -17.29
N GLN A 159 22.67 13.87 -18.34
CA GLN A 159 23.77 14.59 -19.04
C GLN A 159 24.49 15.52 -18.05
N MET A 160 23.76 16.27 -17.22
CA MET A 160 24.33 17.20 -16.22
C MET A 160 25.27 16.42 -15.28
N ALA A 161 24.83 15.26 -14.79
CA ALA A 161 25.61 14.39 -13.86
C ALA A 161 26.93 13.96 -14.53
N VAL A 162 26.89 13.61 -15.81
CA VAL A 162 28.09 13.20 -16.60
C VAL A 162 29.06 14.40 -16.68
N GLU A 163 28.54 15.57 -17.07
N GLU A 163 28.56 15.58 -17.07
CA GLU A 163 29.31 16.83 -17.26
CA GLU A 163 29.38 16.80 -17.26
C GLU A 163 29.92 17.27 -15.93
C GLU A 163 29.95 17.27 -15.91
N ILE A 164 29.09 17.41 -14.89
CA ILE A 164 29.48 17.95 -13.55
C ILE A 164 30.31 16.90 -12.79
N GLY A 165 29.88 15.63 -12.80
CA GLY A 165 30.58 14.51 -12.14
C GLY A 165 29.93 14.13 -10.82
N ARG A 166 30.25 12.93 -10.31
CA ARG A 166 29.61 12.34 -9.10
C ARG A 166 30.10 13.03 -7.83
N GLU A 167 31.10 13.92 -7.93
CA GLU A 167 31.65 14.69 -6.79
C GLU A 167 30.69 15.83 -6.43
N HIS A 168 29.87 16.31 -7.37
CA HIS A 168 28.98 17.48 -7.19
C HIS A 168 27.55 17.23 -7.70
N THR A 169 27.16 15.97 -7.93
CA THR A 169 25.76 15.58 -8.26
C THR A 169 25.37 14.32 -7.48
N LEU A 170 24.11 14.25 -7.02
CA LEU A 170 23.51 13.07 -6.38
C LEU A 170 22.12 12.84 -6.97
N PHE A 171 21.75 11.57 -7.13
CA PHE A 171 20.37 11.14 -7.50
C PHE A 171 19.69 10.60 -6.25
N MET A 172 18.71 11.35 -5.75
CA MET A 172 17.86 10.98 -4.59
C MET A 172 16.49 10.54 -5.11
N HIS A 173 16.20 9.25 -5.04
CA HIS A 173 14.99 8.61 -5.61
C HIS A 173 14.03 8.24 -4.47
N LEU A 174 12.85 8.85 -4.44
CA LEU A 174 11.74 8.43 -3.55
C LEU A 174 11.06 7.21 -4.18
N THR A 175 10.68 6.24 -3.35
CA THR A 175 10.02 4.99 -3.78
C THR A 175 8.95 4.62 -2.74
N LEU A 176 7.93 3.87 -3.16
CA LEU A 176 6.91 3.31 -2.23
C LEU A 176 7.33 1.89 -1.86
N VAL A 177 7.38 1.62 -0.55
CA VAL A 177 7.65 0.27 0.04
C VAL A 177 6.40 -0.11 0.82
N PRO A 178 5.34 -0.59 0.12
CA PRO A 178 4.03 -0.78 0.74
C PRO A 178 3.92 -2.02 1.64
N TYR A 179 3.15 -1.90 2.72
CA TYR A 179 2.82 -3.01 3.66
C TYR A 179 1.72 -3.87 3.04
N MET A 180 1.91 -5.20 3.08
CA MET A 180 0.90 -6.22 2.69
C MET A 180 0.50 -7.00 3.94
N ALA A 181 -0.78 -6.96 4.32
CA ALA A 181 -1.37 -7.72 5.45
C ALA A 181 -1.01 -9.21 5.30
N ALA A 182 -1.14 -9.75 4.09
CA ALA A 182 -0.91 -11.18 3.74
C ALA A 182 0.50 -11.63 4.13
N SER A 183 1.51 -10.80 3.87
CA SER A 183 2.95 -11.09 4.14
C SER A 183 3.38 -10.57 5.52
N GLY A 184 2.62 -9.62 6.09
CA GLY A 184 2.95 -8.96 7.37
C GLY A 184 4.29 -8.24 7.30
N GLU A 185 4.66 -7.75 6.12
CA GLU A 185 5.96 -7.07 5.85
C GLU A 185 5.74 -5.98 4.78
N VAL A 186 6.64 -5.00 4.74
CA VAL A 186 6.72 -4.00 3.64
C VAL A 186 7.48 -4.67 2.47
N LYS A 187 7.14 -4.30 1.23
CA LYS A 187 7.58 -5.01 0.00
C LYS A 187 8.52 -4.11 -0.79
N THR A 188 9.72 -4.61 -1.11
CA THR A 188 10.77 -3.88 -1.88
C THR A 188 10.62 -4.11 -3.39
N LYS A 189 9.74 -5.01 -3.83
CA LYS A 189 9.64 -5.39 -5.27
C LYS A 189 9.36 -4.15 -6.13
N PRO A 190 8.40 -3.27 -5.75
CA PRO A 190 8.16 -2.05 -6.53
C PRO A 190 9.40 -1.16 -6.66
N THR A 191 10.21 -1.04 -5.60
CA THR A 191 11.52 -0.32 -5.63
C THR A 191 12.46 -0.99 -6.63
N GLN A 192 12.53 -2.33 -6.62
CA GLN A 192 13.37 -3.11 -7.56
C GLN A 192 13.00 -2.73 -9.01
N HIS A 193 11.71 -2.74 -9.33
CA HIS A 193 11.20 -2.50 -10.71
C HIS A 193 11.38 -1.01 -11.09
N SER A 194 11.19 -0.09 -10.13
CA SER A 194 11.37 1.37 -10.34
C SER A 194 12.85 1.69 -10.63
N VAL A 195 13.77 1.14 -9.82
CA VAL A 195 15.23 1.36 -10.01
C VAL A 195 15.65 0.80 -11.37
N LYS A 196 15.09 -0.33 -11.79
CA LYS A 196 15.36 -0.92 -13.15
C LYS A 196 14.98 0.10 -14.22
N GLU A 197 13.84 0.79 -14.08
CA GLU A 197 13.39 1.83 -15.04
CA GLU A 197 13.39 1.83 -15.03
C GLU A 197 14.42 2.97 -15.06
N LEU A 198 14.92 3.39 -13.89
CA LEU A 198 15.97 4.45 -13.76
C LEU A 198 17.22 4.01 -14.52
N LEU A 199 17.70 2.79 -14.27
CA LEU A 199 18.93 2.24 -14.90
C LEU A 199 18.78 2.24 -16.43
N SER A 200 17.59 1.88 -16.93
CA SER A 200 17.31 1.77 -18.39
CA SER A 200 17.29 1.77 -18.39
C SER A 200 17.48 3.13 -19.08
N ILE A 201 17.25 4.23 -18.37
CA ILE A 201 17.40 5.61 -18.94
C ILE A 201 18.71 6.24 -18.47
N GLY A 202 19.62 5.45 -17.88
CA GLY A 202 21.04 5.79 -17.66
C GLY A 202 21.28 6.50 -16.34
N ILE A 203 20.36 6.37 -15.39
CA ILE A 203 20.48 7.00 -14.04
C ILE A 203 20.65 5.88 -12.99
N GLN A 204 21.72 5.97 -12.20
CA GLN A 204 21.94 5.14 -10.99
C GLN A 204 21.61 5.97 -9.77
N PRO A 205 20.63 5.57 -8.93
CA PRO A 205 20.32 6.31 -7.72
C PRO A 205 21.46 6.19 -6.70
N ASP A 206 21.77 7.29 -6.02
CA ASP A 206 22.76 7.37 -4.92
C ASP A 206 22.06 7.16 -3.59
N ILE A 207 20.84 7.70 -3.45
CA ILE A 207 20.04 7.70 -2.20
C ILE A 207 18.65 7.16 -2.51
N LEU A 208 18.15 6.24 -1.68
CA LEU A 208 16.76 5.73 -1.75
C LEU A 208 16.00 6.26 -0.53
N ILE A 209 14.96 7.06 -0.77
CA ILE A 209 14.01 7.55 0.27
C ILE A 209 12.78 6.65 0.22
N CYS A 210 12.64 5.75 1.20
CA CYS A 210 11.62 4.68 1.24
C CYS A 210 10.36 5.20 1.96
N ARG A 211 9.32 5.51 1.17
CA ARG A 211 8.01 5.96 1.68
C ARG A 211 7.15 4.73 2.00
N SER A 212 6.49 4.75 3.16
CA SER A 212 5.54 3.70 3.62
C SER A 212 4.63 4.30 4.71
N ASP A 213 3.61 3.55 5.11
CA ASP A 213 2.65 3.95 6.18
C ASP A 213 3.25 3.54 7.55
N ARG A 214 4.52 3.12 7.58
CA ARG A 214 5.24 2.69 8.80
C ARG A 214 6.74 2.71 8.51
N ALA A 215 7.56 2.53 9.55
CA ALA A 215 9.03 2.43 9.43
C ALA A 215 9.38 1.29 8.47
N VAL A 216 10.32 1.53 7.55
CA VAL A 216 10.93 0.48 6.68
C VAL A 216 12.09 -0.12 7.47
N PRO A 217 11.94 -1.36 8.02
CA PRO A 217 12.96 -1.93 8.92
C PRO A 217 14.34 -2.07 8.25
N ALA A 218 15.39 -2.18 9.09
CA ALA A 218 16.81 -2.26 8.67
C ALA A 218 17.02 -3.42 7.69
N ASN A 219 16.33 -4.55 7.90
CA ASN A 219 16.43 -5.77 7.06
CA ASN A 219 16.46 -5.76 7.05
C ASN A 219 16.01 -5.43 5.62
N GLU A 220 14.88 -4.72 5.46
CA GLU A 220 14.34 -4.33 4.14
C GLU A 220 15.23 -3.26 3.51
N ARG A 221 15.73 -2.30 4.31
CA ARG A 221 16.67 -1.24 3.85
C ARG A 221 17.96 -1.91 3.36
N ALA A 222 18.42 -2.97 4.03
CA ALA A 222 19.61 -3.76 3.67
C ALA A 222 19.40 -4.42 2.30
N LYS A 223 18.22 -5.00 2.05
CA LYS A 223 17.85 -5.62 0.75
C LYS A 223 17.96 -4.55 -0.35
N ILE A 224 17.35 -3.39 -0.13
CA ILE A 224 17.31 -2.25 -1.10
C ILE A 224 18.74 -1.79 -1.37
N ALA A 225 19.56 -1.67 -0.33
CA ALA A 225 20.98 -1.21 -0.44
C ALA A 225 21.73 -2.15 -1.39
N LEU A 226 21.58 -3.47 -1.22
CA LEU A 226 22.30 -4.49 -2.02
CA LEU A 226 22.29 -4.49 -2.03
C LEU A 226 21.85 -4.40 -3.50
N PHE A 227 20.54 -4.41 -3.75
CA PHE A 227 20.05 -4.50 -5.16
CA PHE A 227 19.94 -4.45 -5.12
C PHE A 227 20.29 -3.17 -5.88
N CYS A 228 20.42 -2.05 -5.17
CA CYS A 228 20.73 -0.72 -5.75
C CYS A 228 22.24 -0.44 -5.79
N ASN A 229 23.04 -1.29 -5.14
CA ASN A 229 24.51 -1.10 -4.98
C ASN A 229 24.78 0.29 -4.39
N VAL A 230 24.14 0.61 -3.27
CA VAL A 230 24.40 1.86 -2.48
C VAL A 230 24.69 1.44 -1.04
N PRO A 231 25.44 2.25 -0.26
CA PRO A 231 25.63 1.97 1.16
C PRO A 231 24.27 1.93 1.88
N GLU A 232 24.18 1.14 2.95
CA GLU A 232 22.96 1.02 3.79
C GLU A 232 22.56 2.40 4.34
N LYS A 233 23.53 3.27 4.62
CA LYS A 233 23.28 4.62 5.20
C LYS A 233 22.70 5.55 4.13
N ALA A 234 22.73 5.14 2.86
CA ALA A 234 22.14 5.89 1.71
C ALA A 234 20.69 5.43 1.47
N VAL A 235 20.20 4.45 2.23
CA VAL A 235 18.79 3.97 2.19
C VAL A 235 18.08 4.50 3.45
N ILE A 236 17.10 5.38 3.25
CA ILE A 236 16.43 6.18 4.32
C ILE A 236 14.97 5.74 4.43
N SER A 237 14.48 5.55 5.65
CA SER A 237 13.06 5.31 5.98
C SER A 237 12.37 6.67 6.18
N LEU A 238 11.34 6.97 5.39
CA LEU A 238 10.46 8.15 5.60
C LEU A 238 9.01 7.67 5.70
N LYS A 239 8.61 7.25 6.90
CA LYS A 239 7.24 6.77 7.20
C LYS A 239 6.27 7.96 7.13
N ASP A 240 4.98 7.68 6.96
CA ASP A 240 3.89 8.69 7.08
C ASP A 240 3.99 9.33 8.47
N VAL A 241 3.86 10.65 8.54
CA VAL A 241 3.97 11.43 9.82
C VAL A 241 2.70 12.26 9.99
N ASP A 242 2.37 12.62 11.24
CA ASP A 242 1.22 13.48 11.59
C ASP A 242 1.58 14.95 11.33
N SER A 243 2.88 15.28 11.29
CA SER A 243 3.41 16.65 11.13
C SER A 243 4.64 16.64 10.21
N ILE A 244 4.59 17.39 9.11
CA ILE A 244 5.71 17.54 8.13
C ILE A 244 6.89 18.26 8.81
N TYR A 245 6.65 19.00 9.89
CA TYR A 245 7.68 19.74 10.66
C TYR A 245 8.66 18.76 11.32
N LYS A 246 8.28 17.49 11.47
CA LYS A 246 9.10 16.42 12.09
C LYS A 246 10.08 15.82 11.07
N ILE A 247 9.85 16.01 9.76
CA ILE A 247 10.60 15.30 8.69
C ILE A 247 12.07 15.70 8.71
N PRO A 248 12.44 17.00 8.86
CA PRO A 248 13.85 17.38 8.99
C PRO A 248 14.60 16.57 10.06
N GLY A 249 14.01 16.44 11.26
CA GLY A 249 14.56 15.66 12.37
C GLY A 249 14.67 14.18 12.03
N LEU A 250 13.63 13.61 11.41
CA LEU A 250 13.59 12.18 11.01
C LEU A 250 14.73 11.87 10.03
N LEU A 251 14.94 12.74 9.03
CA LEU A 251 16.00 12.56 8.00
C LEU A 251 17.38 12.75 8.64
N LYS A 252 17.54 13.76 9.50
CA LYS A 252 18.83 14.07 10.18
C LYS A 252 19.22 12.89 11.09
N SER A 253 18.26 12.30 11.80
CA SER A 253 18.48 11.18 12.76
C SER A 253 19.04 9.95 12.02
N GLN A 254 18.80 9.84 10.71
CA GLN A 254 19.31 8.73 9.85
C GLN A 254 20.57 9.18 9.11
N GLY A 255 21.04 10.41 9.38
CA GLY A 255 22.33 10.94 8.87
C GLY A 255 22.31 11.29 7.40
N LEU A 256 21.14 11.53 6.80
CA LEU A 256 21.02 11.84 5.35
C LEU A 256 21.90 13.05 5.00
N ASP A 257 21.82 14.12 5.80
CA ASP A 257 22.59 15.38 5.55
C ASP A 257 24.09 15.11 5.71
N ASP A 258 24.49 14.24 6.65
CA ASP A 258 25.90 13.81 6.82
C ASP A 258 26.40 13.16 5.52
N TYR A 259 25.62 12.22 4.95
CA TYR A 259 25.99 11.49 3.71
C TYR A 259 26.16 12.48 2.56
N ILE A 260 25.23 13.43 2.42
CA ILE A 260 25.23 14.46 1.33
C ILE A 260 26.49 15.33 1.47
N CYS A 261 26.77 15.84 2.67
CA CYS A 261 27.94 16.72 2.95
C CYS A 261 29.24 15.96 2.66
N LYS A 262 29.29 14.67 3.00
CA LYS A 262 30.47 13.78 2.74
C LYS A 262 30.66 13.63 1.22
N ARG A 263 29.58 13.33 0.49
CA ARG A 263 29.62 13.12 -0.99
C ARG A 263 30.06 14.41 -1.70
N PHE A 264 29.61 15.58 -1.21
CA PHE A 264 29.91 16.90 -1.82
C PHE A 264 31.15 17.54 -1.20
N SER A 265 31.81 16.86 -0.25
CA SER A 265 33.03 17.33 0.47
C SER A 265 32.75 18.71 1.09
N LEU A 266 31.58 18.88 1.73
CA LEU A 266 31.19 20.12 2.44
C LEU A 266 31.56 19.97 3.92
N ASN A 267 32.51 20.78 4.39
CA ASN A 267 32.88 20.89 5.84
C ASN A 267 32.00 21.99 6.45
N CYS A 268 30.97 21.59 7.20
CA CYS A 268 30.00 22.50 7.85
C CYS A 268 29.53 21.91 9.17
N PRO A 269 29.17 22.74 10.16
CA PRO A 269 28.79 22.24 11.48
C PRO A 269 27.49 21.44 11.46
N GLU A 270 27.27 20.63 12.50
CA GLU A 270 26.04 19.82 12.69
C GLU A 270 24.81 20.73 12.59
N ALA A 271 23.74 20.24 11.96
CA ALA A 271 22.44 20.95 11.85
C ALA A 271 21.87 21.17 13.25
N ASN A 272 21.56 22.42 13.58
CA ASN A 272 20.79 22.81 14.79
C ASN A 272 19.32 22.98 14.37
N LEU A 273 18.47 22.00 14.67
CA LEU A 273 17.03 21.97 14.25
C LEU A 273 16.14 22.52 15.37
N SER A 274 16.67 23.39 16.24
CA SER A 274 15.98 23.99 17.40
C SER A 274 14.69 24.70 16.95
N GLU A 275 14.74 25.40 15.82
CA GLU A 275 13.58 26.19 15.29
CA GLU A 275 13.58 26.19 15.29
C GLU A 275 12.44 25.22 14.94
N TRP A 276 12.78 24.05 14.38
CA TRP A 276 11.81 22.98 14.00
C TRP A 276 11.32 22.26 15.25
N GLU A 277 12.23 21.96 16.19
CA GLU A 277 11.88 21.36 17.50
C GLU A 277 10.86 22.26 18.21
N GLN A 278 11.03 23.58 18.12
CA GLN A 278 10.13 24.57 18.77
C GLN A 278 8.75 24.54 18.10
N VAL A 279 8.70 24.53 16.77
CA VAL A 279 7.43 24.45 15.99
C VAL A 279 6.68 23.18 16.40
N ILE A 280 7.38 22.05 16.48
CA ILE A 280 6.82 20.71 16.88
C ILE A 280 6.24 20.82 18.30
N PHE A 281 6.99 21.43 19.23
CA PHE A 281 6.60 21.60 20.65
C PHE A 281 5.31 22.44 20.73
N GLU A 282 5.31 23.61 20.08
CA GLU A 282 4.14 24.53 20.01
C GLU A 282 2.90 23.75 19.54
N GLU A 283 3.04 23.03 18.43
CA GLU A 283 1.95 22.25 17.77
C GLU A 283 1.41 21.19 18.73
N ALA A 284 2.30 20.51 19.47
CA ALA A 284 1.98 19.37 20.35
C ALA A 284 1.36 19.84 21.68
N ASN A 285 1.48 21.13 22.02
CA ASN A 285 1.10 21.68 23.34
C ASN A 285 0.19 22.90 23.18
N PRO A 286 -1.00 22.74 22.57
CA PRO A 286 -1.98 23.83 22.51
C PRO A 286 -2.66 24.02 23.86
N VAL A 287 -3.09 25.25 24.17
CA VAL A 287 -3.75 25.62 25.46
C VAL A 287 -5.26 25.55 25.29
N SER A 288 -5.77 25.99 24.13
CA SER A 288 -7.23 26.01 23.81
C SER A 288 -7.44 25.57 22.35
N GLU A 289 -8.70 25.48 21.93
CA GLU A 289 -9.14 24.98 20.60
C GLU A 289 -10.19 25.94 20.02
N VAL A 290 -10.16 26.16 18.70
CA VAL A 290 -11.16 26.99 17.97
C VAL A 290 -11.59 26.24 16.70
N THR A 291 -12.77 26.57 16.18
CA THR A 291 -13.28 26.12 14.86
C THR A 291 -13.43 27.36 13.96
N ILE A 292 -12.64 27.43 12.89
CA ILE A 292 -12.64 28.55 11.90
C ILE A 292 -13.24 28.03 10.59
N GLY A 293 -14.33 28.65 10.15
CA GLY A 293 -14.99 28.35 8.87
C GLY A 293 -14.29 29.03 7.70
N MET A 294 -13.81 28.25 6.72
CA MET A 294 -13.27 28.77 5.44
C MET A 294 -14.37 28.64 4.38
N VAL A 295 -14.97 29.76 3.99
CA VAL A 295 -16.16 29.80 3.07
C VAL A 295 -15.70 30.24 1.68
N GLY A 296 -15.59 29.30 0.74
CA GLY A 296 -15.10 29.53 -0.63
C GLY A 296 -15.82 28.66 -1.65
N LYS A 297 -15.34 28.69 -2.90
CA LYS A 297 -16.01 28.08 -4.07
C LYS A 297 -15.14 26.95 -4.67
N TYR A 298 -14.05 26.56 -4.01
CA TYR A 298 -13.10 25.53 -4.49
C TYR A 298 -12.82 24.47 -3.41
N ILE A 299 -13.73 24.30 -2.43
CA ILE A 299 -13.47 23.46 -1.23
C ILE A 299 -13.40 21.97 -1.61
N GLU A 300 -13.90 21.60 -2.79
CA GLU A 300 -13.91 20.20 -3.29
C GLU A 300 -12.47 19.67 -3.41
N LEU A 301 -11.48 20.55 -3.59
CA LEU A 301 -10.03 20.23 -3.45
C LEU A 301 -9.40 21.18 -2.42
N PRO A 302 -9.19 20.74 -1.17
CA PRO A 302 -8.58 21.58 -0.14
C PRO A 302 -7.27 22.27 -0.55
N ASP A 303 -6.47 21.62 -1.40
CA ASP A 303 -5.15 22.14 -1.89
C ASP A 303 -5.36 23.43 -2.71
N ALA A 304 -6.59 23.73 -3.12
CA ALA A 304 -6.99 25.03 -3.71
C ALA A 304 -6.65 26.18 -2.75
N TYR A 305 -6.62 25.90 -1.44
CA TYR A 305 -6.36 26.89 -0.36
C TYR A 305 -5.16 26.45 0.48
N LYS A 306 -4.18 25.78 -0.14
CA LYS A 306 -3.04 25.14 0.55
C LYS A 306 -2.38 26.13 1.52
N SER A 307 -1.92 27.27 1.02
CA SER A 307 -1.15 28.28 1.79
C SER A 307 -2.04 28.93 2.88
N VAL A 308 -3.35 29.07 2.61
CA VAL A 308 -4.32 29.66 3.57
C VAL A 308 -4.49 28.70 4.75
N ILE A 309 -4.66 27.40 4.47
CA ILE A 309 -4.80 26.32 5.49
C ILE A 309 -3.55 26.30 6.37
N GLU A 310 -2.36 26.36 5.76
CA GLU A 310 -1.06 26.36 6.48
C GLU A 310 -0.93 27.64 7.32
N ALA A 311 -1.32 28.79 6.76
CA ALA A 311 -1.27 30.11 7.44
C ALA A 311 -2.11 30.08 8.72
N LEU A 312 -3.29 29.44 8.67
CA LEU A 312 -4.20 29.27 9.84
C LEU A 312 -3.50 28.40 10.90
N LYS A 313 -2.85 27.32 10.48
CA LYS A 313 -2.08 26.41 11.37
C LYS A 313 -0.96 27.22 12.06
N HIS A 314 -0.23 28.05 11.31
CA HIS A 314 0.86 28.93 11.82
C HIS A 314 0.29 29.92 12.83
N GLY A 315 -0.91 30.46 12.56
CA GLY A 315 -1.65 31.33 13.49
C GLY A 315 -1.93 30.62 14.80
N GLY A 316 -2.24 29.32 14.73
CA GLY A 316 -2.44 28.44 15.90
C GLY A 316 -1.18 28.31 16.73
N LEU A 317 -0.04 28.02 16.09
CA LEU A 317 1.28 27.82 16.75
C LEU A 317 1.61 29.02 17.63
N LYS A 318 1.43 30.24 17.11
CA LYS A 318 1.86 31.51 17.75
C LYS A 318 0.95 31.85 18.93
N ASN A 319 -0.26 31.29 18.99
CA ASN A 319 -1.28 31.55 20.05
C ASN A 319 -1.45 30.33 20.96
N ARG A 320 -0.78 29.21 20.66
CA ARG A 320 -1.01 27.89 21.30
C ARG A 320 -2.50 27.55 21.22
N VAL A 321 -3.09 27.73 20.04
CA VAL A 321 -4.51 27.40 19.73
C VAL A 321 -4.52 26.30 18.66
N SER A 322 -5.21 25.19 18.93
CA SER A 322 -5.51 24.13 17.94
C SER A 322 -6.66 24.61 17.05
N VAL A 323 -6.39 24.82 15.76
CA VAL A 323 -7.37 25.35 14.77
C VAL A 323 -8.02 24.17 14.04
N ASN A 324 -9.32 23.97 14.26
CA ASN A 324 -10.18 23.06 13.45
C ASN A 324 -10.71 23.84 12.24
N ILE A 325 -10.14 23.58 11.06
CA ILE A 325 -10.52 24.26 9.78
C ILE A 325 -11.72 23.53 9.19
N LYS A 326 -12.88 24.19 9.13
CA LYS A 326 -14.13 23.65 8.54
C LYS A 326 -14.33 24.29 7.16
N LEU A 327 -14.06 23.54 6.09
CA LEU A 327 -14.27 23.98 4.69
C LEU A 327 -15.77 24.00 4.41
N ILE A 328 -16.33 25.17 4.10
CA ILE A 328 -17.78 25.38 3.83
C ILE A 328 -17.95 25.91 2.40
N ASP A 329 -18.79 25.23 1.60
CA ASP A 329 -19.13 25.63 0.22
C ASP A 329 -20.03 26.88 0.30
N SER A 330 -19.59 27.99 -0.31
CA SER A 330 -20.31 29.29 -0.32
C SER A 330 -21.66 29.16 -1.04
N GLN A 331 -21.79 28.19 -1.96
CA GLN A 331 -23.05 27.90 -2.69
C GLN A 331 -24.08 27.26 -1.74
N ASP A 332 -23.61 26.53 -0.72
CA ASP A 332 -24.49 25.95 0.33
C ASP A 332 -25.10 27.06 1.18
N VAL A 333 -24.42 28.20 1.33
CA VAL A 333 -24.93 29.40 2.06
C VAL A 333 -26.07 30.02 1.23
N GLU A 334 -25.96 29.99 -0.10
CA GLU A 334 -26.96 30.55 -1.04
C GLU A 334 -28.27 29.74 -0.97
N THR A 335 -28.16 28.40 -0.86
CA THR A 335 -29.30 27.45 -0.90
C THR A 335 -29.87 27.23 0.51
N ARG A 336 -29.04 26.81 1.46
CA ARG A 336 -29.46 26.38 2.83
C ARG A 336 -29.51 27.56 3.80
N GLY A 337 -28.85 28.67 3.48
CA GLY A 337 -28.86 29.91 4.30
C GLY A 337 -27.72 29.93 5.31
N VAL A 338 -27.76 30.88 6.25
CA VAL A 338 -26.68 31.15 7.25
C VAL A 338 -26.69 30.09 8.35
N GLU A 339 -27.62 29.13 8.30
CA GLU A 339 -27.71 27.97 9.23
C GLU A 339 -26.36 27.25 9.31
N ILE A 340 -25.68 27.09 8.17
CA ILE A 340 -24.44 26.26 8.03
C ILE A 340 -23.21 27.03 8.53
N LEU A 341 -23.36 28.30 8.95
CA LEU A 341 -22.27 29.14 9.51
C LEU A 341 -22.35 29.18 11.04
N LYS A 342 -23.21 28.36 11.65
CA LYS A 342 -23.37 28.26 13.12
C LYS A 342 -22.20 27.45 13.71
N GLY A 343 -21.80 27.76 14.95
CA GLY A 343 -20.75 27.05 15.69
C GLY A 343 -19.36 27.35 15.17
N LEU A 344 -19.16 28.55 14.60
CA LEU A 344 -17.84 29.04 14.11
C LEU A 344 -17.32 30.14 15.06
N ASP A 345 -16.04 30.04 15.44
CA ASP A 345 -15.34 31.02 16.31
C ASP A 345 -14.77 32.16 15.46
N ALA A 346 -14.61 31.92 14.15
CA ALA A 346 -14.14 32.90 13.15
C ALA A 346 -14.50 32.42 11.74
N ILE A 347 -14.53 33.35 10.79
CA ILE A 347 -14.91 33.09 9.36
C ILE A 347 -13.81 33.67 8.46
N LEU A 348 -13.27 32.88 7.53
CA LEU A 348 -12.30 33.33 6.52
C LEU A 348 -12.89 33.08 5.12
N VAL A 349 -13.01 34.12 4.31
CA VAL A 349 -13.39 34.05 2.86
C VAL A 349 -12.13 34.25 2.04
N PRO A 350 -11.59 33.20 1.38
CA PRO A 350 -10.35 33.30 0.62
C PRO A 350 -10.58 33.84 -0.80
N GLY A 351 -9.53 33.82 -1.63
CA GLY A 351 -9.52 34.37 -2.99
C GLY A 351 -10.30 33.52 -3.97
N GLY A 352 -10.60 34.07 -5.15
CA GLY A 352 -11.33 33.38 -6.23
C GLY A 352 -11.75 34.33 -7.34
N PHE A 353 -12.16 33.77 -8.48
CA PHE A 353 -12.63 34.50 -9.69
C PHE A 353 -13.96 33.90 -10.15
N GLY A 354 -14.77 34.70 -10.86
CA GLY A 354 -16.10 34.29 -11.37
C GLY A 354 -17.17 34.42 -10.30
N TYR A 355 -18.43 34.57 -10.73
CA TYR A 355 -19.58 34.98 -9.87
C TYR A 355 -20.12 33.79 -9.08
N ARG A 356 -19.91 32.55 -9.55
CA ARG A 356 -20.41 31.31 -8.88
C ARG A 356 -19.99 31.35 -7.40
N GLY A 357 -20.98 31.33 -6.50
CA GLY A 357 -20.78 31.21 -5.04
C GLY A 357 -20.47 32.52 -4.35
N VAL A 358 -20.39 33.63 -5.11
CA VAL A 358 -19.97 34.96 -4.60
C VAL A 358 -21.07 35.56 -3.69
N GLU A 359 -22.34 35.39 -4.06
CA GLU A 359 -23.50 35.91 -3.28
C GLU A 359 -23.52 35.23 -1.91
N GLY A 360 -23.17 33.94 -1.85
CA GLY A 360 -23.01 33.18 -0.60
C GLY A 360 -21.91 33.75 0.28
N MET A 361 -20.82 34.24 -0.34
CA MET A 361 -19.66 34.86 0.35
C MET A 361 -20.06 36.23 0.91
N ILE A 362 -20.88 36.98 0.16
CA ILE A 362 -21.41 38.33 0.57
C ILE A 362 -22.30 38.12 1.80
N THR A 363 -23.19 37.14 1.76
CA THR A 363 -24.09 36.74 2.89
C THR A 363 -23.24 36.33 4.09
N THR A 364 -22.14 35.61 3.85
CA THR A 364 -21.19 35.14 4.89
C THR A 364 -20.53 36.35 5.57
N ALA A 365 -20.04 37.32 4.78
CA ALA A 365 -19.40 38.56 5.26
C ALA A 365 -20.41 39.36 6.11
N ARG A 366 -21.66 39.44 5.66
CA ARG A 366 -22.77 40.12 6.38
C ARG A 366 -22.99 39.45 7.73
N PHE A 367 -23.11 38.12 7.73
CA PHE A 367 -23.34 37.28 8.94
C PHE A 367 -22.25 37.57 9.98
N ALA A 368 -20.99 37.54 9.57
CA ALA A 368 -19.79 37.74 10.44
C ALA A 368 -19.81 39.16 11.04
N ARG A 369 -20.11 40.17 10.22
CA ARG A 369 -20.13 41.60 10.61
C ARG A 369 -21.25 41.85 11.63
N GLU A 370 -22.46 41.37 11.34
CA GLU A 370 -23.69 41.64 12.14
C GLU A 370 -23.64 40.86 13.46
N ASN A 371 -23.02 39.69 13.50
CA ASN A 371 -22.98 38.78 14.68
C ASN A 371 -21.64 38.89 15.41
N ASN A 372 -20.79 39.86 15.03
CA ASN A 372 -19.50 40.17 15.69
C ASN A 372 -18.62 38.91 15.76
N ILE A 373 -18.61 38.11 14.69
CA ILE A 373 -17.74 36.91 14.53
C ILE A 373 -16.47 37.36 13.81
N PRO A 374 -15.26 37.15 14.38
CA PRO A 374 -14.02 37.53 13.71
C PRO A 374 -14.01 37.12 12.24
N TYR A 375 -13.62 38.05 11.35
CA TYR A 375 -13.63 37.89 9.87
C TYR A 375 -12.28 38.29 9.29
N LEU A 376 -11.73 37.44 8.42
CA LEU A 376 -10.57 37.74 7.55
C LEU A 376 -10.97 37.46 6.10
N GLY A 377 -10.99 38.49 5.25
CA GLY A 377 -11.25 38.38 3.80
C GLY A 377 -9.96 38.56 3.01
N ILE A 378 -9.65 37.63 2.10
CA ILE A 378 -8.46 37.70 1.23
C ILE A 378 -8.91 37.86 -0.23
N CYS A 379 -8.56 39.00 -0.83
CA CYS A 379 -8.81 39.34 -2.26
C CYS A 379 -10.32 39.34 -2.53
N LEU A 380 -10.88 38.25 -3.06
CA LEU A 380 -12.35 38.09 -3.24
C LEU A 380 -13.04 38.28 -1.87
N GLY A 381 -12.41 37.81 -0.79
CA GLY A 381 -12.86 38.00 0.60
C GLY A 381 -13.01 39.47 0.96
N MET A 382 -12.14 40.33 0.44
CA MET A 382 -12.21 41.81 0.65
C MET A 382 -13.35 42.39 -0.20
N GLN A 383 -13.47 41.95 -1.46
CA GLN A 383 -14.54 42.40 -2.39
C GLN A 383 -15.90 42.23 -1.74
N VAL A 384 -16.20 41.02 -1.24
CA VAL A 384 -17.53 40.62 -0.70
C VAL A 384 -17.80 41.38 0.61
N ALA A 385 -16.75 41.74 1.36
CA ALA A 385 -16.82 42.58 2.58
C ALA A 385 -17.24 43.99 2.18
N LEU A 386 -16.61 44.57 1.15
CA LEU A 386 -16.91 45.92 0.61
C LEU A 386 -18.34 45.95 0.05
N ILE A 387 -18.72 44.90 -0.70
CA ILE A 387 -20.07 44.77 -1.33
C ILE A 387 -21.13 44.69 -0.22
N ASP A 388 -20.93 43.81 0.77
CA ASP A 388 -21.82 43.65 1.95
C ASP A 388 -22.05 45.01 2.59
N TYR A 389 -20.98 45.76 2.88
CA TYR A 389 -21.02 47.05 3.61
C TYR A 389 -21.69 48.12 2.74
N ALA A 390 -21.34 48.16 1.45
CA ALA A 390 -21.94 49.08 0.45
C ALA A 390 -23.46 48.89 0.41
N ARG A 391 -23.92 47.64 0.28
CA ARG A 391 -25.35 47.27 0.14
C ARG A 391 -26.12 47.57 1.44
N HIS A 392 -25.63 47.06 2.58
CA HIS A 392 -26.43 46.85 3.82
C HIS A 392 -26.14 47.93 4.88
N VAL A 393 -25.18 48.83 4.65
CA VAL A 393 -24.86 49.96 5.58
C VAL A 393 -24.89 51.29 4.83
N ALA A 394 -24.18 51.37 3.69
CA ALA A 394 -24.09 52.59 2.85
C ALA A 394 -25.32 52.72 1.94
N ASN A 395 -26.21 51.72 1.95
CA ASN A 395 -27.51 51.72 1.23
C ASN A 395 -27.27 51.93 -0.27
N MET A 396 -26.29 51.22 -0.84
CA MET A 396 -26.01 51.18 -2.30
C MET A 396 -26.61 49.88 -2.86
N GLU A 397 -27.88 49.95 -3.31
CA GLU A 397 -28.70 48.78 -3.72
C GLU A 397 -28.00 48.01 -4.84
N ASN A 398 -27.84 46.70 -4.66
CA ASN A 398 -27.29 45.74 -5.66
C ASN A 398 -25.85 46.11 -6.04
N ALA A 399 -25.09 46.74 -5.12
CA ALA A 399 -23.65 47.04 -5.29
C ALA A 399 -22.92 45.73 -5.61
N ASN A 400 -21.96 45.76 -6.53
CA ASN A 400 -21.32 44.52 -7.05
C ASN A 400 -19.97 44.85 -7.70
N SER A 401 -19.27 43.82 -8.19
CA SER A 401 -18.06 43.91 -9.03
C SER A 401 -18.48 43.85 -10.51
N THR A 402 -17.80 44.62 -11.38
CA THR A 402 -17.99 44.59 -12.85
C THR A 402 -17.61 43.19 -13.38
N GLU A 403 -16.79 42.43 -12.65
CA GLU A 403 -16.45 41.02 -12.97
C GLU A 403 -17.73 40.17 -13.02
N PHE A 404 -18.70 40.48 -12.15
CA PHE A 404 -19.89 39.63 -11.89
C PHE A 404 -21.14 40.23 -12.56
N VAL A 405 -21.37 41.54 -12.38
CA VAL A 405 -22.50 42.30 -13.00
C VAL A 405 -21.92 43.55 -13.66
N PRO A 406 -21.46 43.44 -14.93
CA PRO A 406 -20.72 44.53 -15.59
C PRO A 406 -21.40 45.91 -15.58
N ASP A 407 -22.73 45.94 -15.66
CA ASP A 407 -23.53 47.19 -15.86
C ASP A 407 -24.32 47.53 -14.58
N CYS A 408 -23.88 47.05 -13.41
CA CYS A 408 -24.49 47.35 -12.10
C CYS A 408 -24.38 48.86 -11.83
N LYS A 409 -25.35 49.43 -11.10
CA LYS A 409 -25.44 50.89 -10.83
C LYS A 409 -24.26 51.32 -9.97
N TYR A 410 -23.89 50.51 -8.96
CA TYR A 410 -22.81 50.79 -7.98
C TYR A 410 -21.68 49.78 -8.17
N PRO A 411 -20.80 49.95 -9.18
CA PRO A 411 -19.62 49.10 -9.33
C PRO A 411 -18.55 49.47 -8.30
N VAL A 412 -18.72 49.01 -7.06
CA VAL A 412 -17.83 49.32 -5.89
C VAL A 412 -16.48 48.59 -6.10
N VAL A 413 -16.49 47.49 -6.86
CA VAL A 413 -15.27 46.77 -7.33
C VAL A 413 -15.29 46.77 -8.86
N ALA A 414 -14.19 47.16 -9.50
CA ALA A 414 -14.06 47.28 -10.97
C ALA A 414 -12.59 47.48 -11.36
N LEU A 415 -12.28 47.22 -12.64
CA LEU A 415 -10.97 47.57 -13.26
C LEU A 415 -10.81 49.10 -13.20
N ILE A 416 -9.58 49.59 -13.07
CA ILE A 416 -9.27 51.05 -12.98
C ILE A 416 -9.88 51.75 -14.21
N THR A 417 -9.84 51.12 -15.38
CA THR A 417 -10.36 51.65 -16.68
C THR A 417 -11.90 51.71 -16.66
N GLU A 418 -12.55 50.87 -15.85
CA GLU A 418 -14.04 50.77 -15.77
C GLU A 418 -14.61 51.73 -14.73
N TRP A 419 -13.77 52.35 -13.89
CA TRP A 419 -14.19 53.18 -12.73
C TRP A 419 -15.24 54.21 -13.16
N ARG A 420 -16.45 54.12 -12.57
CA ARG A 420 -17.56 55.08 -12.78
C ARG A 420 -18.35 55.21 -11.46
N ASP A 421 -19.04 56.34 -11.28
CA ASP A 421 -19.98 56.56 -10.13
C ASP A 421 -21.38 56.09 -10.56
N GLU A 422 -22.37 56.26 -9.68
CA GLU A 422 -23.77 55.76 -9.87
C GLU A 422 -24.47 56.51 -11.01
N ASN A 423 -23.95 57.69 -11.39
CA ASN A 423 -24.50 58.56 -12.47
C ASN A 423 -23.84 58.22 -13.82
N GLY A 424 -22.79 57.39 -13.81
CA GLY A 424 -22.05 56.99 -15.02
C GLY A 424 -20.92 57.95 -15.36
N ASN A 425 -20.61 58.88 -14.46
CA ASN A 425 -19.49 59.84 -14.60
C ASN A 425 -18.16 59.10 -14.36
N VAL A 426 -17.07 59.58 -14.95
CA VAL A 426 -15.72 58.92 -14.92
C VAL A 426 -14.67 59.96 -14.54
N GLU A 427 -13.44 59.50 -14.27
CA GLU A 427 -12.28 60.36 -13.90
C GLU A 427 -11.67 60.98 -15.16
N VAL A 428 -10.83 62.00 -14.99
CA VAL A 428 -10.04 62.65 -16.08
C VAL A 428 -8.69 61.93 -16.19
N MET A 439 -3.91 42.49 -14.35
CA MET A 439 -3.60 41.46 -13.32
C MET A 439 -2.31 41.86 -12.59
N ARG A 440 -2.42 42.43 -11.40
CA ARG A 440 -1.28 42.78 -10.50
C ARG A 440 -0.75 41.50 -9.86
N LEU A 441 0.56 41.24 -9.99
CA LEU A 441 1.21 39.99 -9.53
C LEU A 441 2.47 40.33 -8.72
N GLY A 442 2.67 39.63 -7.61
CA GLY A 442 3.93 39.64 -6.83
C GLY A 442 3.95 40.72 -5.78
N ALA A 443 5.13 40.93 -5.18
CA ALA A 443 5.37 41.80 -4.00
C ALA A 443 5.12 43.26 -4.38
N GLN A 444 4.43 43.98 -3.50
CA GLN A 444 4.27 45.46 -3.59
C GLN A 444 4.21 46.04 -2.17
N GLN A 445 4.80 47.22 -1.98
CA GLN A 445 4.75 47.96 -0.70
C GLN A 445 3.31 48.46 -0.50
N CYS A 446 2.79 48.30 0.71
N CYS A 446 2.79 48.30 0.71
CA CYS A 446 1.47 48.81 1.18
CA CYS A 446 1.46 48.82 1.16
C CYS A 446 1.68 49.76 2.35
C CYS A 446 1.68 49.76 2.35
N GLN A 447 1.06 50.94 2.33
CA GLN A 447 1.14 51.94 3.41
C GLN A 447 -0.05 51.74 4.35
N LEU A 448 0.21 51.44 5.62
CA LEU A 448 -0.83 51.19 6.65
C LEU A 448 -1.22 52.52 7.30
N VAL A 449 -2.52 52.69 7.57
CA VAL A 449 -3.12 53.95 8.11
C VAL A 449 -2.98 53.95 9.63
N ASP A 450 -2.58 55.08 10.22
CA ASP A 450 -2.47 55.28 11.69
C ASP A 450 -3.81 54.92 12.34
N ASP A 451 -3.76 54.27 13.52
CA ASP A 451 -4.92 53.94 14.38
C ASP A 451 -5.76 52.82 13.75
N SER A 452 -5.24 52.11 12.74
CA SER A 452 -5.85 50.89 12.16
C SER A 452 -5.37 49.67 12.96
N LEU A 453 -6.18 48.60 12.98
CA LEU A 453 -5.84 47.31 13.62
C LEU A 453 -4.57 46.74 12.99
N VAL A 454 -4.44 46.82 11.65
CA VAL A 454 -3.29 46.22 10.90
C VAL A 454 -2.01 47.01 11.19
N ARG A 455 -2.09 48.33 11.39
CA ARG A 455 -0.91 49.17 11.75
C ARG A 455 -0.30 48.66 13.05
N GLN A 456 -1.14 48.22 13.99
CA GLN A 456 -0.71 47.66 15.31
C GLN A 456 -0.16 46.24 15.10
N LEU A 457 -0.89 45.38 14.38
CA LEU A 457 -0.55 43.94 14.18
C LEU A 457 0.79 43.80 13.46
N TYR A 458 0.98 44.50 12.34
CA TYR A 458 2.23 44.48 11.53
C TYR A 458 3.34 45.26 12.25
N ASN A 459 2.97 46.20 13.13
CA ASN A 459 3.92 47.00 13.96
C ASN A 459 4.95 47.70 13.06
N ALA A 460 4.48 48.29 11.95
CA ALA A 460 5.30 49.04 10.97
C ALA A 460 4.39 49.90 10.11
N PRO A 461 4.87 51.07 9.62
CA PRO A 461 4.04 51.94 8.78
C PRO A 461 3.85 51.40 7.35
N THR A 462 4.80 50.61 6.86
CA THR A 462 4.75 49.98 5.50
C THR A 462 5.00 48.47 5.63
N ILE A 463 4.37 47.69 4.74
CA ILE A 463 4.54 46.22 4.62
C ILE A 463 4.74 45.87 3.15
N VAL A 464 5.22 44.66 2.87
CA VAL A 464 5.33 44.07 1.51
C VAL A 464 4.53 42.76 1.50
N GLU A 465 3.50 42.69 0.67
CA GLU A 465 2.67 41.47 0.47
C GLU A 465 2.48 41.25 -1.04
N ARG A 466 2.01 40.07 -1.43
CA ARG A 466 1.99 39.61 -2.84
C ARG A 466 0.55 39.62 -3.36
N HIS A 467 0.36 40.11 -4.59
CA HIS A 467 -0.95 40.24 -5.28
C HIS A 467 -1.14 39.14 -6.31
N ARG A 468 -2.40 38.74 -6.54
CA ARG A 468 -2.87 38.01 -7.73
C ARG A 468 -4.35 38.39 -7.95
N HIS A 469 -4.58 39.51 -8.63
CA HIS A 469 -5.93 40.12 -8.84
C HIS A 469 -5.86 41.18 -9.94
N ARG A 470 -7.00 41.51 -10.55
CA ARG A 470 -7.13 42.60 -11.55
C ARG A 470 -8.18 43.63 -11.11
N TYR A 471 -9.25 43.19 -10.42
CA TYR A 471 -10.38 44.05 -9.99
C TYR A 471 -10.02 44.76 -8.68
N GLU A 472 -10.12 46.09 -8.69
CA GLU A 472 -9.75 47.00 -7.58
C GLU A 472 -11.01 47.55 -6.91
N VAL A 473 -10.84 48.16 -5.74
CA VAL A 473 -11.87 49.00 -5.07
C VAL A 473 -12.04 50.26 -5.93
N ASN A 474 -13.28 50.57 -6.33
CA ASN A 474 -13.64 51.78 -7.13
C ASN A 474 -13.55 53.01 -6.22
N ASN A 475 -12.50 53.81 -6.39
CA ASN A 475 -12.22 55.03 -5.56
C ASN A 475 -13.34 56.07 -5.75
N MET A 476 -14.08 56.01 -6.85
CA MET A 476 -15.17 56.97 -7.17
C MET A 476 -16.37 56.75 -6.24
N LEU A 477 -16.57 55.52 -5.75
CA LEU A 477 -17.69 55.15 -4.85
C LEU A 477 -17.20 54.91 -3.42
N LEU A 478 -15.90 55.07 -3.16
CA LEU A 478 -15.24 54.71 -1.87
C LEU A 478 -15.68 55.67 -0.76
N LYS A 479 -15.65 56.98 -1.03
CA LYS A 479 -15.90 58.06 -0.02
C LYS A 479 -17.28 57.86 0.62
N GLN A 480 -18.28 57.46 -0.17
CA GLN A 480 -19.67 57.20 0.30
C GLN A 480 -19.67 56.05 1.31
N ILE A 481 -18.91 54.98 1.02
CA ILE A 481 -18.81 53.77 1.89
C ILE A 481 -18.03 54.14 3.16
N GLU A 482 -17.00 54.99 3.04
CA GLU A 482 -16.20 55.51 4.18
C GLU A 482 -17.11 56.30 5.12
N ASP A 483 -17.98 57.15 4.57
CA ASP A 483 -18.96 57.99 5.33
C ASP A 483 -19.95 57.09 6.09
N ALA A 484 -20.22 55.89 5.57
CA ALA A 484 -21.13 54.88 6.18
C ALA A 484 -20.44 54.11 7.31
N GLY A 485 -19.12 54.30 7.50
CA GLY A 485 -18.40 53.84 8.70
C GLY A 485 -17.23 52.91 8.40
N LEU A 486 -17.13 52.37 7.19
CA LEU A 486 -16.02 51.47 6.77
C LEU A 486 -14.70 52.28 6.77
N ARG A 487 -13.62 51.69 7.27
CA ARG A 487 -12.28 52.35 7.34
C ARG A 487 -11.33 51.71 6.33
N VAL A 488 -10.61 52.54 5.57
CA VAL A 488 -9.44 52.15 4.74
C VAL A 488 -8.23 52.07 5.67
N ALA A 489 -7.59 50.90 5.76
CA ALA A 489 -6.46 50.62 6.69
C ALA A 489 -5.14 50.51 5.93
N GLY A 490 -5.17 50.35 4.59
CA GLY A 490 -3.97 50.18 3.76
C GLY A 490 -4.19 50.64 2.33
N ARG A 491 -3.18 51.27 1.73
CA ARG A 491 -3.19 51.71 0.32
CA ARG A 491 -3.17 51.76 0.33
C ARG A 491 -1.83 51.39 -0.34
N SER A 492 -1.75 51.52 -1.66
CA SER A 492 -0.52 51.28 -2.46
C SER A 492 -0.53 52.13 -3.75
N GLY A 493 0.67 52.48 -4.23
CA GLY A 493 0.91 53.07 -5.57
C GLY A 493 0.48 54.52 -5.67
N ASP A 494 0.55 55.08 -6.88
CA ASP A 494 0.19 56.49 -7.20
C ASP A 494 -1.34 56.64 -7.21
N ASP A 495 -2.06 55.63 -7.70
CA ASP A 495 -3.54 55.61 -7.78
C ASP A 495 -4.15 55.45 -6.38
N GLN A 496 -3.32 55.21 -5.35
CA GLN A 496 -3.76 55.04 -3.94
C GLN A 496 -4.87 53.98 -3.91
N LEU A 497 -4.60 52.81 -4.49
CA LEU A 497 -5.54 51.66 -4.55
C LEU A 497 -5.72 51.12 -3.12
N VAL A 498 -6.97 50.81 -2.74
CA VAL A 498 -7.32 50.27 -1.40
C VAL A 498 -6.76 48.85 -1.29
N GLU A 499 -5.92 48.60 -0.29
CA GLU A 499 -5.25 47.29 -0.04
C GLU A 499 -5.92 46.58 1.15
N ILE A 500 -6.30 47.32 2.20
CA ILE A 500 -6.90 46.76 3.44
C ILE A 500 -8.11 47.62 3.85
N ILE A 501 -9.21 46.97 4.24
CA ILE A 501 -10.40 47.63 4.86
C ILE A 501 -10.68 46.98 6.22
N GLU A 502 -11.25 47.76 7.15
CA GLU A 502 -11.62 47.31 8.52
C GLU A 502 -13.01 47.85 8.86
N VAL A 503 -13.82 47.06 9.56
CA VAL A 503 -15.10 47.48 10.20
C VAL A 503 -14.80 47.78 11.67
N PRO A 504 -14.81 49.07 12.10
CA PRO A 504 -14.36 49.42 13.45
C PRO A 504 -15.21 48.83 14.59
N ASN A 505 -16.54 48.95 14.51
CA ASN A 505 -17.49 48.51 15.57
C ASN A 505 -17.63 46.97 15.51
N HIS A 506 -16.51 46.27 15.71
CA HIS A 506 -16.37 44.81 15.54
C HIS A 506 -15.10 44.35 16.25
N PRO A 507 -15.11 43.21 16.98
CA PRO A 507 -13.92 42.77 17.72
C PRO A 507 -12.69 42.55 16.82
N TRP A 508 -12.89 42.02 15.62
CA TRP A 508 -11.81 41.74 14.63
C TRP A 508 -12.43 41.52 13.24
N PHE A 509 -12.43 42.55 12.39
CA PHE A 509 -12.92 42.50 10.99
C PHE A 509 -11.88 43.17 10.08
N VAL A 510 -11.08 42.35 9.39
CA VAL A 510 -10.01 42.82 8.45
C VAL A 510 -10.19 42.08 7.13
N ALA A 511 -10.00 42.79 6.02
CA ALA A 511 -10.02 42.23 4.65
C ALA A 511 -8.96 42.94 3.80
N CYS A 512 -8.15 42.17 3.08
CA CYS A 512 -6.98 42.66 2.31
C CYS A 512 -7.06 42.18 0.86
N GLN A 513 -6.52 42.97 -0.06
CA GLN A 513 -6.47 42.68 -1.52
C GLN A 513 -5.39 41.64 -1.80
N PHE A 514 -4.22 41.79 -1.15
CA PHE A 514 -3.03 40.92 -1.27
C PHE A 514 -3.31 39.56 -0.62
N HIS A 515 -2.41 38.61 -0.84
CA HIS A 515 -2.49 37.20 -0.36
C HIS A 515 -1.48 37.01 0.77
N PRO A 516 -1.86 37.31 2.04
CA PRO A 516 -0.91 37.24 3.16
C PRO A 516 -0.44 35.80 3.43
N GLU A 517 -1.23 34.79 3.02
CA GLU A 517 -0.93 33.36 3.22
C GLU A 517 0.41 32.99 2.55
N PHE A 518 0.84 33.73 1.53
CA PHE A 518 2.07 33.43 0.75
C PHE A 518 3.34 33.87 1.50
N THR A 519 3.24 34.70 2.54
CA THR A 519 4.40 35.15 3.35
C THR A 519 4.35 34.54 4.76
N SER A 520 3.34 33.73 5.07
CA SER A 520 3.25 33.00 6.37
C SER A 520 4.18 31.77 6.32
N THR A 521 4.89 31.52 7.42
CA THR A 521 5.76 30.34 7.64
C THR A 521 5.49 29.79 9.04
N PRO A 522 5.74 28.49 9.30
CA PRO A 522 5.56 27.94 10.64
C PRO A 522 6.51 28.53 11.70
N ARG A 523 7.73 28.92 11.29
CA ARG A 523 8.76 29.47 12.21
C ARG A 523 8.46 30.94 12.52
N ASP A 524 8.14 31.75 11.51
CA ASP A 524 7.97 33.23 11.64
C ASP A 524 6.50 33.59 11.84
N GLY A 525 5.56 32.71 11.46
CA GLY A 525 4.11 32.97 11.50
C GLY A 525 3.74 34.11 10.57
N HIS A 526 2.67 34.83 10.91
CA HIS A 526 2.20 36.03 10.15
C HIS A 526 1.35 36.91 11.06
N PRO A 527 1.66 38.23 11.17
CA PRO A 527 0.94 39.12 12.08
C PRO A 527 -0.59 39.09 11.94
N LEU A 528 -1.09 38.99 10.71
CA LEU A 528 -2.54 39.06 10.39
C LEU A 528 -3.23 37.77 10.85
N PHE A 529 -2.66 36.59 10.53
CA PHE A 529 -3.21 35.26 10.87
C PHE A 529 -3.09 35.02 12.38
N ALA A 530 -2.00 35.47 13.00
CA ALA A 530 -1.79 35.41 14.46
C ALA A 530 -2.90 36.21 15.17
N GLY A 531 -3.16 37.43 14.68
CA GLY A 531 -4.25 38.30 15.20
C GLY A 531 -5.61 37.68 15.01
N PHE A 532 -5.86 37.08 13.84
CA PHE A 532 -7.15 36.45 13.45
C PHE A 532 -7.47 35.28 14.39
N VAL A 533 -6.51 34.38 14.59
CA VAL A 533 -6.68 33.14 15.42
C VAL A 533 -6.82 33.54 16.89
N LYS A 534 -6.10 34.57 17.34
CA LYS A 534 -6.21 35.13 18.71
C LYS A 534 -7.66 35.61 18.94
N ALA A 535 -8.21 36.37 17.98
CA ALA A 535 -9.60 36.88 18.00
C ALA A 535 -10.59 35.70 18.05
N ALA A 536 -10.34 34.65 17.28
CA ALA A 536 -11.15 33.41 17.24
C ALA A 536 -11.19 32.78 18.64
N SER A 537 -10.03 32.71 19.31
CA SER A 537 -9.88 32.17 20.70
C SER A 537 -10.69 33.02 21.67
N GLU A 538 -10.56 34.35 21.59
CA GLU A 538 -11.23 35.32 22.49
C GLU A 538 -12.75 35.23 22.31
N PHE A 539 -13.23 35.07 21.07
CA PHE A 539 -14.66 34.88 20.73
C PHE A 539 -15.17 33.60 21.39
N GLN A 540 -14.43 32.50 21.24
CA GLN A 540 -14.78 31.15 21.75
C GLN A 540 -14.98 31.22 23.27
N LYS A 541 -14.06 31.90 23.99
CA LYS A 541 -14.09 32.08 25.46
C LYS A 541 -15.34 32.88 25.88
N ARG A 542 -15.65 33.95 25.13
CA ARG A 542 -16.80 34.88 25.42
C ARG A 542 -18.13 34.11 25.38
N GLN A 543 -18.25 33.08 24.54
CA GLN A 543 -19.50 32.29 24.37
C GLN A 543 -19.76 31.48 25.64
N MET B 1 -16.25 -29.52 -25.56
CA MET B 1 -15.24 -30.36 -24.84
C MET B 1 -13.88 -29.65 -24.80
N THR B 2 -13.54 -28.89 -25.84
CA THR B 2 -12.28 -28.10 -25.97
C THR B 2 -11.93 -27.46 -24.62
N THR B 3 -10.75 -27.79 -24.08
CA THR B 3 -10.28 -27.33 -22.75
C THR B 3 -9.95 -25.83 -22.82
N ASN B 4 -10.41 -25.07 -21.81
CA ASN B 4 -10.18 -23.60 -21.69
C ASN B 4 -9.12 -23.37 -20.60
N TYR B 5 -8.23 -22.41 -20.82
CA TYR B 5 -7.11 -22.06 -19.90
C TYR B 5 -7.25 -20.61 -19.42
N ILE B 6 -7.18 -20.42 -18.10
CA ILE B 6 -7.06 -19.07 -17.45
C ILE B 6 -5.66 -19.01 -16.84
N PHE B 7 -4.76 -18.25 -17.45
CA PHE B 7 -3.38 -18.01 -16.96
C PHE B 7 -3.46 -16.90 -15.90
N VAL B 8 -3.06 -17.21 -14.67
CA VAL B 8 -3.15 -16.29 -13.50
C VAL B 8 -1.73 -15.81 -13.16
N THR B 9 -1.48 -14.52 -13.37
CA THR B 9 -0.17 -13.85 -13.13
C THR B 9 -0.37 -12.77 -12.07
N GLY B 10 0.73 -12.29 -11.52
CA GLY B 10 0.75 -11.23 -10.48
C GLY B 10 1.77 -10.17 -10.81
N GLY B 11 1.44 -8.91 -10.51
CA GLY B 11 2.31 -7.75 -10.72
C GLY B 11 2.46 -6.91 -9.46
N VAL B 12 3.48 -6.04 -9.45
CA VAL B 12 3.80 -5.04 -8.39
C VAL B 12 4.46 -5.75 -7.20
N VAL B 13 3.77 -6.72 -6.57
CA VAL B 13 4.28 -7.48 -5.39
C VAL B 13 3.92 -8.96 -5.54
N SER B 14 4.59 -9.83 -4.78
CA SER B 14 4.42 -11.29 -4.80
C SER B 14 3.12 -11.69 -4.08
N SER B 15 2.83 -11.08 -2.93
CA SER B 15 1.85 -11.57 -1.92
C SER B 15 0.46 -11.02 -2.21
N LEU B 16 -0.07 -11.28 -3.41
CA LEU B 16 -1.38 -10.78 -3.91
C LEU B 16 -2.51 -11.76 -3.58
N GLY B 17 -2.16 -13.00 -3.21
CA GLY B 17 -3.12 -14.11 -3.04
C GLY B 17 -3.56 -14.68 -4.38
N LYS B 18 -2.61 -14.89 -5.30
CA LYS B 18 -2.86 -15.48 -6.64
C LYS B 18 -3.54 -16.84 -6.49
N GLY B 19 -3.07 -17.68 -5.55
CA GLY B 19 -3.61 -19.03 -5.30
C GLY B 19 -5.04 -18.98 -4.80
N ILE B 20 -5.30 -18.13 -3.80
CA ILE B 20 -6.66 -17.96 -3.19
CA ILE B 20 -6.66 -17.98 -3.19
C ILE B 20 -7.63 -17.44 -4.26
N ALA B 21 -7.17 -16.48 -5.08
CA ALA B 21 -7.96 -15.86 -6.16
C ALA B 21 -8.31 -16.92 -7.21
N ALA B 22 -7.34 -17.72 -7.64
CA ALA B 22 -7.51 -18.82 -8.63
C ALA B 22 -8.47 -19.87 -8.06
N ALA B 23 -8.26 -20.29 -6.82
CA ALA B 23 -9.05 -21.31 -6.11
C ALA B 23 -10.50 -20.83 -5.94
N SER B 24 -10.69 -19.56 -5.57
CA SER B 24 -12.01 -18.92 -5.34
C SER B 24 -12.79 -18.88 -6.65
N LEU B 25 -12.15 -18.49 -7.75
CA LEU B 25 -12.77 -18.45 -9.10
C LEU B 25 -13.13 -19.87 -9.53
N ALA B 26 -12.23 -20.84 -9.30
CA ALA B 26 -12.45 -22.28 -9.59
C ALA B 26 -13.71 -22.77 -8.86
N ALA B 27 -13.88 -22.36 -7.60
CA ALA B 27 -15.03 -22.72 -6.74
C ALA B 27 -16.34 -22.23 -7.36
N ILE B 28 -16.34 -21.01 -7.92
CA ILE B 28 -17.54 -20.42 -8.59
C ILE B 28 -17.86 -21.27 -9.82
N LEU B 29 -16.85 -21.55 -10.65
CA LEU B 29 -17.01 -22.32 -11.92
C LEU B 29 -17.47 -23.74 -11.60
N GLU B 30 -16.94 -24.37 -10.55
CA GLU B 30 -17.37 -25.73 -10.10
C GLU B 30 -18.85 -25.68 -9.69
N ALA B 31 -19.27 -24.59 -9.04
CA ALA B 31 -20.67 -24.34 -8.58
C ALA B 31 -21.60 -24.07 -9.77
N ARG B 32 -21.05 -23.96 -11.00
CA ARG B 32 -21.78 -23.81 -12.28
CA ARG B 32 -21.85 -23.82 -12.25
C ARG B 32 -21.88 -25.17 -12.97
N GLY B 33 -21.38 -26.23 -12.33
CA GLY B 33 -21.39 -27.62 -12.86
C GLY B 33 -20.23 -27.89 -13.80
N LEU B 34 -19.26 -26.98 -13.90
CA LEU B 34 -18.09 -27.12 -14.80
C LEU B 34 -17.05 -28.04 -14.15
N ASN B 35 -16.36 -28.83 -14.96
CA ASN B 35 -15.20 -29.66 -14.54
C ASN B 35 -13.94 -28.77 -14.58
N VAL B 36 -13.46 -28.33 -13.42
CA VAL B 36 -12.36 -27.34 -13.30
C VAL B 36 -11.20 -27.97 -12.54
N THR B 37 -9.98 -27.56 -12.87
CA THR B 37 -8.75 -27.88 -12.09
C THR B 37 -7.85 -26.65 -12.04
N ILE B 38 -6.87 -26.69 -11.15
CA ILE B 38 -5.88 -25.60 -10.92
C ILE B 38 -4.50 -26.25 -10.90
N MET B 39 -3.49 -25.56 -11.41
CA MET B 39 -2.07 -25.99 -11.29
CA MET B 39 -2.07 -26.00 -11.31
C MET B 39 -1.19 -24.78 -10.96
N LYS B 40 -0.11 -25.04 -10.22
CA LYS B 40 0.85 -24.03 -9.73
C LYS B 40 2.19 -24.25 -10.44
N LEU B 41 2.66 -23.23 -11.15
CA LEU B 41 4.03 -23.21 -11.76
C LEU B 41 4.93 -22.38 -10.84
N ASP B 42 5.90 -23.02 -10.20
CA ASP B 42 6.80 -22.41 -9.18
C ASP B 42 8.15 -22.14 -9.81
N PRO B 43 8.64 -20.88 -9.82
CA PRO B 43 9.90 -20.55 -10.47
C PRO B 43 11.19 -20.92 -9.69
N TYR B 44 11.06 -21.53 -8.50
CA TYR B 44 12.25 -21.96 -7.71
C TYR B 44 12.87 -23.20 -8.38
N ILE B 45 14.13 -23.49 -8.02
CA ILE B 45 14.99 -24.50 -8.70
C ILE B 45 14.88 -25.85 -7.97
N ASN B 46 14.34 -25.86 -6.76
CA ASN B 46 14.04 -27.12 -6.01
C ASN B 46 13.20 -28.03 -6.90
N VAL B 47 13.62 -29.29 -7.11
CA VAL B 47 12.88 -30.25 -7.97
C VAL B 47 11.45 -30.39 -7.43
N ASP B 48 11.30 -30.37 -6.10
CA ASP B 48 9.99 -30.29 -5.39
C ASP B 48 10.24 -29.83 -3.95
N PRO B 49 9.20 -29.44 -3.18
CA PRO B 49 9.36 -29.00 -1.80
C PRO B 49 9.73 -30.07 -0.77
N GLY B 50 9.93 -31.32 -1.19
CA GLY B 50 10.38 -32.43 -0.32
C GLY B 50 11.56 -32.05 0.54
N THR B 51 12.51 -31.27 0.01
CA THR B 51 13.76 -30.84 0.69
C THR B 51 13.51 -29.55 1.48
N MET B 52 12.60 -28.69 1.02
CA MET B 52 12.40 -27.30 1.52
C MET B 52 11.90 -27.32 2.97
N SER B 53 12.55 -26.54 3.83
CA SER B 53 12.32 -26.47 5.30
C SER B 53 10.92 -25.93 5.59
N PRO B 54 10.17 -26.52 6.55
CA PRO B 54 8.88 -25.98 6.98
C PRO B 54 8.92 -24.51 7.45
N ILE B 55 9.99 -24.12 8.15
CA ILE B 55 10.11 -22.79 8.81
C ILE B 55 10.62 -21.75 7.80
N GLN B 56 10.86 -22.14 6.54
CA GLN B 56 11.30 -21.24 5.45
C GLN B 56 10.19 -21.09 4.41
N HIS B 57 9.66 -22.20 3.90
CA HIS B 57 8.68 -22.25 2.77
C HIS B 57 7.27 -22.57 3.27
N GLY B 58 7.12 -23.17 4.45
CA GLY B 58 5.83 -23.61 5.00
C GLY B 58 5.60 -25.10 4.80
N GLU B 59 4.39 -25.58 5.09
CA GLU B 59 4.05 -27.02 5.08
C GLU B 59 4.31 -27.62 3.71
N VAL B 60 4.77 -28.88 3.66
CA VAL B 60 4.75 -29.74 2.45
C VAL B 60 3.34 -30.35 2.38
N PHE B 61 2.58 -30.00 1.36
CA PHE B 61 1.23 -30.58 1.10
C PHE B 61 1.41 -31.93 0.40
N VAL B 62 0.62 -32.94 0.80
CA VAL B 62 0.69 -34.31 0.23
C VAL B 62 -0.63 -34.59 -0.50
N THR B 63 -0.57 -34.86 -1.80
CA THR B 63 -1.72 -35.25 -2.65
C THR B 63 -1.97 -36.76 -2.47
N GLU B 64 -3.12 -37.24 -2.96
CA GLU B 64 -3.54 -38.67 -2.88
C GLU B 64 -2.44 -39.58 -3.45
N ASP B 65 -1.87 -39.21 -4.60
CA ASP B 65 -0.86 -40.01 -5.34
C ASP B 65 0.51 -39.94 -4.64
N GLY B 66 0.62 -39.20 -3.53
CA GLY B 66 1.82 -39.16 -2.69
C GLY B 66 2.86 -38.16 -3.20
N ALA B 67 2.46 -37.20 -4.02
CA ALA B 67 3.33 -36.07 -4.46
C ALA B 67 3.53 -35.12 -3.28
N GLU B 68 4.75 -34.62 -3.12
CA GLU B 68 5.12 -33.54 -2.16
C GLU B 68 5.06 -32.21 -2.92
N THR B 69 4.12 -31.34 -2.56
CA THR B 69 3.72 -30.17 -3.39
C THR B 69 3.71 -28.89 -2.56
N ASP B 70 3.59 -27.75 -3.25
CA ASP B 70 3.43 -26.40 -2.65
C ASP B 70 2.12 -26.37 -1.86
N LEU B 71 2.09 -25.65 -0.74
CA LEU B 71 0.91 -25.60 0.18
C LEU B 71 -0.31 -24.99 -0.53
N ASP B 72 -0.10 -24.31 -1.66
CA ASP B 72 -1.20 -23.75 -2.51
C ASP B 72 -2.16 -24.85 -2.96
N LEU B 73 -1.67 -26.07 -3.18
CA LEU B 73 -2.54 -27.22 -3.57
C LEU B 73 -3.48 -27.56 -2.41
N GLY B 74 -3.13 -27.18 -1.18
CA GLY B 74 -4.02 -27.20 0.00
C GLY B 74 -5.19 -26.25 -0.18
N HIS B 75 -4.91 -24.99 -0.56
CA HIS B 75 -5.94 -23.99 -0.96
C HIS B 75 -6.86 -24.60 -2.01
N TYR B 76 -6.27 -25.18 -3.07
CA TYR B 76 -7.00 -25.71 -4.25
C TYR B 76 -8.02 -26.76 -3.79
N GLU B 77 -7.58 -27.75 -3.00
CA GLU B 77 -8.43 -28.89 -2.57
C GLU B 77 -9.47 -28.42 -1.55
N ARG B 78 -9.23 -27.30 -0.86
CA ARG B 78 -10.17 -26.72 0.14
C ARG B 78 -11.22 -25.85 -0.56
N PHE B 79 -11.05 -25.56 -1.85
CA PHE B 79 -11.97 -24.71 -2.65
C PHE B 79 -12.70 -25.52 -3.74
N ILE B 80 -12.11 -26.60 -4.27
CA ILE B 80 -12.75 -27.47 -5.30
C ILE B 80 -12.60 -28.93 -4.90
N ARG B 81 -13.47 -29.79 -5.43
CA ARG B 81 -13.56 -31.24 -5.10
C ARG B 81 -12.68 -32.04 -6.05
N THR B 82 -12.26 -31.44 -7.17
CA THR B 82 -11.26 -32.02 -8.12
C THR B 82 -9.98 -32.33 -7.32
N LYS B 83 -9.53 -33.59 -7.35
CA LYS B 83 -8.35 -34.05 -6.56
C LYS B 83 -7.07 -33.60 -7.29
N MET B 84 -6.11 -33.07 -6.52
CA MET B 84 -4.77 -32.67 -7.04
C MET B 84 -3.89 -33.91 -7.13
N SER B 85 -2.91 -33.88 -8.04
CA SER B 85 -1.90 -34.95 -8.24
C SER B 85 -0.54 -34.28 -8.49
N ARG B 86 0.49 -35.07 -8.80
CA ARG B 86 1.84 -34.58 -9.19
C ARG B 86 1.70 -33.61 -10.38
N ARG B 87 0.68 -33.79 -11.22
CA ARG B 87 0.47 -33.03 -12.48
C ARG B 87 0.04 -31.59 -12.22
N ASN B 88 -0.37 -31.24 -10.99
CA ASN B 88 -0.97 -29.92 -10.65
C ASN B 88 0.07 -28.98 -10.03
N ASN B 89 1.33 -29.40 -9.95
CA ASN B 89 2.43 -28.58 -9.38
C ASN B 89 3.75 -29.02 -10.01
N PHE B 90 4.53 -28.08 -10.53
CA PHE B 90 5.92 -28.34 -10.98
C PHE B 90 6.73 -27.04 -10.89
N THR B 91 8.05 -27.20 -10.76
CA THR B 91 9.04 -26.11 -10.55
C THR B 91 9.93 -25.98 -11.79
N THR B 92 10.66 -24.86 -11.89
CA THR B 92 11.73 -24.67 -12.90
C THR B 92 12.73 -25.83 -12.80
N GLY B 93 13.09 -26.23 -11.57
CA GLY B 93 14.00 -27.35 -11.29
C GLY B 93 13.53 -28.63 -11.94
N ARG B 94 12.24 -28.96 -11.81
CA ARG B 94 11.60 -30.14 -12.45
C ARG B 94 11.77 -30.05 -13.97
N ILE B 95 11.50 -28.87 -14.55
CA ILE B 95 11.54 -28.65 -16.02
C ILE B 95 12.98 -28.85 -16.52
N TYR B 96 13.98 -28.26 -15.85
CA TYR B 96 15.41 -28.38 -16.23
C TYR B 96 15.87 -29.83 -16.04
N SER B 97 15.41 -30.50 -14.97
CA SER B 97 15.70 -31.94 -14.71
CA SER B 97 15.71 -31.93 -14.72
C SER B 97 15.16 -32.78 -15.87
N ASP B 98 13.88 -32.56 -16.24
CA ASP B 98 13.20 -33.20 -17.39
C ASP B 98 14.08 -33.09 -18.65
N VAL B 99 14.47 -31.87 -19.00
CA VAL B 99 15.20 -31.54 -20.26
C VAL B 99 16.61 -32.14 -20.20
N LEU B 100 17.31 -31.99 -19.07
CA LEU B 100 18.70 -32.50 -18.88
C LEU B 100 18.71 -34.03 -19.01
N ARG B 101 17.67 -34.71 -18.49
CA ARG B 101 17.51 -36.19 -18.56
C ARG B 101 17.38 -36.60 -20.03
N LYS B 102 16.46 -35.96 -20.76
CA LYS B 102 16.20 -36.21 -22.21
C LYS B 102 17.48 -35.95 -23.02
N GLU B 103 18.26 -34.92 -22.66
CA GLU B 103 19.44 -34.46 -23.42
C GLU B 103 20.60 -35.45 -23.25
N ARG B 104 20.97 -35.75 -22.00
CA ARG B 104 22.14 -36.63 -21.66
C ARG B 104 21.97 -38.01 -22.31
N ARG B 105 20.73 -38.51 -22.39
CA ARG B 105 20.44 -39.87 -22.94
C ARG B 105 20.23 -39.79 -24.46
N GLY B 106 19.95 -38.60 -25.01
CA GLY B 106 20.08 -38.30 -26.45
C GLY B 106 18.74 -38.21 -27.18
N ASP B 107 17.68 -37.75 -26.51
CA ASP B 107 16.32 -37.61 -27.10
C ASP B 107 16.27 -36.44 -28.10
N TYR B 108 17.18 -35.47 -28.00
CA TYR B 108 17.20 -34.24 -28.86
C TYR B 108 18.05 -34.47 -30.12
N LEU B 109 18.60 -35.68 -30.29
CA LEU B 109 19.22 -36.15 -31.56
C LEU B 109 20.34 -35.20 -31.98
N GLY B 110 21.17 -34.77 -31.02
CA GLY B 110 22.38 -33.94 -31.27
C GLY B 110 22.06 -32.48 -31.49
N ALA B 111 20.81 -32.05 -31.28
CA ALA B 111 20.38 -30.63 -31.41
C ALA B 111 20.96 -29.82 -30.25
N THR B 112 21.20 -28.52 -30.49
CA THR B 112 21.47 -27.52 -29.42
C THR B 112 20.17 -27.31 -28.64
N VAL B 113 20.19 -27.59 -27.35
CA VAL B 113 19.00 -27.44 -26.45
C VAL B 113 19.02 -26.01 -25.90
N GLN B 114 17.89 -25.30 -26.05
CA GLN B 114 17.77 -23.83 -25.88
C GLN B 114 16.59 -23.53 -24.96
N VAL B 115 16.61 -22.40 -24.25
CA VAL B 115 15.47 -21.94 -23.41
C VAL B 115 14.22 -21.89 -24.30
N ILE B 116 14.34 -21.30 -25.49
CA ILE B 116 13.32 -21.36 -26.57
C ILE B 116 13.95 -22.11 -27.75
N PRO B 117 13.38 -23.23 -28.23
CA PRO B 117 12.06 -23.72 -27.80
C PRO B 117 11.97 -24.84 -26.73
N HIS B 118 13.11 -25.38 -26.28
CA HIS B 118 13.16 -26.68 -25.56
C HIS B 118 12.62 -26.56 -24.12
N ILE B 119 13.03 -25.54 -23.37
CA ILE B 119 12.53 -25.32 -21.97
C ILE B 119 11.05 -24.93 -22.04
N THR B 120 10.69 -24.00 -22.93
CA THR B 120 9.29 -23.53 -23.11
C THR B 120 8.40 -24.69 -23.58
N ASN B 121 8.91 -25.58 -24.44
CA ASN B 121 8.16 -26.78 -24.91
C ASN B 121 7.87 -27.71 -23.73
N ALA B 122 8.85 -27.95 -22.87
CA ALA B 122 8.75 -28.82 -21.67
C ALA B 122 7.65 -28.27 -20.74
N ILE B 123 7.59 -26.95 -20.57
CA ILE B 123 6.57 -26.27 -19.72
C ILE B 123 5.18 -26.51 -20.34
N LYS B 124 5.01 -26.22 -21.63
CA LYS B 124 3.72 -26.35 -22.35
C LYS B 124 3.19 -27.79 -22.22
N GLU B 125 4.08 -28.78 -22.38
CA GLU B 125 3.73 -30.23 -22.33
C GLU B 125 3.14 -30.56 -20.95
N ARG B 126 3.75 -30.07 -19.87
CA ARG B 126 3.29 -30.34 -18.48
C ARG B 126 1.96 -29.62 -18.22
N VAL B 127 1.77 -28.42 -18.76
CA VAL B 127 0.50 -27.64 -18.60
C VAL B 127 -0.64 -28.41 -19.30
N LEU B 128 -0.42 -28.86 -20.53
CA LEU B 128 -1.40 -29.65 -21.33
C LEU B 128 -1.72 -30.96 -20.60
N GLU B 129 -0.70 -31.65 -20.08
CA GLU B 129 -0.83 -32.94 -19.35
C GLU B 129 -1.76 -32.77 -18.15
N GLY B 130 -1.57 -31.69 -17.38
CA GLY B 130 -2.40 -31.39 -16.18
C GLY B 130 -3.77 -30.87 -16.53
N GLY B 131 -3.92 -30.23 -17.70
CA GLY B 131 -5.12 -29.46 -18.09
C GLY B 131 -6.14 -30.27 -18.87
N GLU B 132 -5.70 -30.99 -19.91
CA GLU B 132 -6.61 -31.64 -20.89
C GLU B 132 -7.56 -32.60 -20.17
N GLY B 133 -8.82 -32.65 -20.60
CA GLY B 133 -9.90 -33.45 -19.98
C GLY B 133 -10.71 -32.65 -18.97
N HIS B 134 -10.50 -31.33 -18.91
CA HIS B 134 -11.24 -30.38 -18.04
C HIS B 134 -11.92 -29.32 -18.90
N ASP B 135 -13.00 -28.72 -18.39
CA ASP B 135 -13.71 -27.58 -19.04
C ASP B 135 -12.84 -26.33 -18.92
N VAL B 136 -12.35 -26.04 -17.71
CA VAL B 136 -11.53 -24.84 -17.40
C VAL B 136 -10.33 -25.26 -16.56
N VAL B 137 -9.14 -24.81 -16.94
CA VAL B 137 -7.87 -25.05 -16.20
C VAL B 137 -7.29 -23.70 -15.80
N LEU B 138 -7.16 -23.45 -14.49
CA LEU B 138 -6.52 -22.23 -13.95
C LEU B 138 -5.03 -22.54 -13.71
N VAL B 139 -4.15 -21.77 -14.34
CA VAL B 139 -2.68 -21.99 -14.30
C VAL B 139 -2.05 -20.79 -13.58
N GLU B 140 -1.68 -20.97 -12.30
CA GLU B 140 -1.06 -19.91 -11.47
C GLU B 140 0.44 -19.87 -11.77
N ILE B 141 0.94 -18.73 -12.23
CA ILE B 141 2.39 -18.48 -12.49
C ILE B 141 2.96 -17.78 -11.25
N GLY B 142 3.81 -18.49 -10.50
CA GLY B 142 4.54 -17.94 -9.34
C GLY B 142 5.44 -16.80 -9.76
N GLY B 143 5.76 -15.91 -8.83
CA GLY B 143 6.65 -14.76 -9.05
C GLY B 143 5.88 -13.50 -9.38
N THR B 144 6.61 -12.40 -9.63
CA THR B 144 6.07 -11.08 -10.04
C THR B 144 6.54 -10.80 -11.47
N VAL B 145 5.60 -10.52 -12.38
CA VAL B 145 5.90 -10.19 -13.80
C VAL B 145 6.93 -9.05 -13.82
N GLY B 146 7.97 -9.20 -14.65
CA GLY B 146 9.11 -8.27 -14.73
C GLY B 146 10.37 -8.87 -14.14
N ASP B 147 10.22 -9.88 -13.27
CA ASP B 147 11.36 -10.65 -12.68
C ASP B 147 11.82 -11.68 -13.72
N ILE B 148 13.11 -12.03 -13.71
CA ILE B 148 13.70 -12.94 -14.73
C ILE B 148 13.26 -14.38 -14.47
N GLU B 149 12.95 -14.74 -13.21
CA GLU B 149 12.74 -16.15 -12.79
C GLU B 149 11.52 -16.76 -13.50
N SER B 150 10.52 -15.97 -13.91
CA SER B 150 9.24 -16.46 -14.47
CA SER B 150 9.24 -16.46 -14.47
C SER B 150 9.18 -16.26 -15.99
N LEU B 151 10.22 -15.69 -16.61
CA LEU B 151 10.22 -15.35 -18.06
C LEU B 151 9.92 -16.59 -18.91
N PRO B 152 10.56 -17.76 -18.68
CA PRO B 152 10.27 -18.96 -19.46
C PRO B 152 8.81 -19.44 -19.34
N PHE B 153 8.24 -19.38 -18.14
CA PHE B 153 6.81 -19.71 -17.88
C PHE B 153 5.93 -18.78 -18.71
N LEU B 154 6.22 -17.47 -18.67
CA LEU B 154 5.40 -16.42 -19.34
C LEU B 154 5.49 -16.60 -20.86
N GLU B 155 6.67 -16.93 -21.40
CA GLU B 155 6.86 -17.20 -22.84
C GLU B 155 6.11 -18.49 -23.22
N ALA B 156 6.15 -19.52 -22.38
CA ALA B 156 5.47 -20.81 -22.61
C ALA B 156 3.95 -20.56 -22.76
N ILE B 157 3.33 -19.86 -21.80
CA ILE B 157 1.85 -19.64 -21.77
C ILE B 157 1.48 -18.66 -22.89
N ARG B 158 2.37 -17.72 -23.25
CA ARG B 158 2.16 -16.82 -24.41
C ARG B 158 1.99 -17.68 -25.67
N GLN B 159 2.91 -18.62 -25.91
CA GLN B 159 2.87 -19.55 -27.07
C GLN B 159 1.56 -20.36 -27.06
N MET B 160 1.16 -20.87 -25.90
CA MET B 160 -0.07 -21.69 -25.73
C MET B 160 -1.30 -20.87 -26.18
N ALA B 161 -1.36 -19.59 -25.80
CA ALA B 161 -2.47 -18.66 -26.11
C ALA B 161 -2.57 -18.43 -27.62
N VAL B 162 -1.42 -18.32 -28.31
CA VAL B 162 -1.34 -18.18 -29.80
C VAL B 162 -1.87 -19.47 -30.43
N GLU B 163 -1.37 -20.64 -29.99
CA GLU B 163 -1.74 -21.97 -30.53
C GLU B 163 -3.24 -22.23 -30.31
N ILE B 164 -3.71 -22.06 -29.08
CA ILE B 164 -5.10 -22.41 -28.65
C ILE B 164 -6.07 -21.33 -29.12
N GLY B 165 -5.69 -20.04 -29.03
CA GLY B 165 -6.50 -18.90 -29.49
C GLY B 165 -7.28 -18.25 -28.35
N ARG B 166 -7.77 -17.02 -28.57
CA ARG B 166 -8.40 -16.16 -27.53
C ARG B 166 -9.80 -16.67 -27.19
N GLU B 167 -10.32 -17.63 -27.95
CA GLU B 167 -11.67 -18.22 -27.73
CA GLU B 167 -11.68 -18.22 -27.72
C GLU B 167 -11.61 -19.21 -26.55
N HIS B 168 -10.42 -19.75 -26.27
CA HIS B 168 -10.22 -20.80 -25.23
C HIS B 168 -9.03 -20.48 -24.31
N THR B 169 -8.54 -19.24 -24.27
CA THR B 169 -7.51 -18.78 -23.31
C THR B 169 -7.85 -17.37 -22.81
N LEU B 170 -7.52 -17.10 -21.54
CA LEU B 170 -7.66 -15.79 -20.87
C LEU B 170 -6.42 -15.56 -20.01
N PHE B 171 -5.97 -14.31 -19.93
CA PHE B 171 -4.90 -13.84 -19.01
C PHE B 171 -5.56 -13.03 -17.90
N MET B 172 -5.56 -13.58 -16.69
CA MET B 172 -6.08 -12.93 -15.46
C MET B 172 -4.89 -12.46 -14.62
N HIS B 173 -4.68 -11.14 -14.56
CA HIS B 173 -3.51 -10.50 -13.92
C HIS B 173 -3.95 -9.84 -12.62
N LEU B 174 -3.44 -10.33 -11.48
CA LEU B 174 -3.58 -9.64 -10.17
C LEU B 174 -2.57 -8.49 -10.13
N THR B 175 -2.99 -7.37 -9.55
CA THR B 175 -2.17 -6.14 -9.42
C THR B 175 -2.45 -5.51 -8.06
N LEU B 176 -1.51 -4.71 -7.56
CA LEU B 176 -1.68 -3.90 -6.32
C LEU B 176 -2.08 -2.47 -6.70
N VAL B 177 -3.20 -2.00 -6.18
CA VAL B 177 -3.70 -0.61 -6.33
C VAL B 177 -3.66 0.02 -4.95
N PRO B 178 -2.47 0.49 -4.50
CA PRO B 178 -2.29 0.91 -3.11
C PRO B 178 -2.92 2.27 -2.80
N TYR B 179 -3.43 2.41 -1.56
CA TYR B 179 -3.97 3.68 -1.01
C TYR B 179 -2.80 4.56 -0.52
N MET B 180 -2.84 5.84 -0.87
CA MET B 180 -1.90 6.88 -0.38
C MET B 180 -2.71 7.89 0.46
N ALA B 181 -2.38 8.01 1.75
CA ALA B 181 -3.02 8.95 2.70
C ALA B 181 -2.92 10.38 2.14
N ALA B 182 -1.78 10.73 1.56
CA ALA B 182 -1.45 12.08 1.02
C ALA B 182 -2.51 12.52 0.00
N SER B 183 -2.88 11.63 -0.93
CA SER B 183 -3.84 11.92 -2.03
C SER B 183 -5.26 11.44 -1.66
N GLY B 184 -5.39 10.64 -0.60
CA GLY B 184 -6.67 10.06 -0.14
C GLY B 184 -7.34 9.23 -1.23
N GLU B 185 -6.55 8.49 -2.02
CA GLU B 185 -7.04 7.71 -3.18
C GLU B 185 -6.12 6.50 -3.41
N VAL B 186 -6.66 5.44 -4.02
CA VAL B 186 -5.88 4.26 -4.50
C VAL B 186 -5.22 4.64 -5.84
N LYS B 187 -4.04 4.10 -6.11
CA LYS B 187 -3.15 4.55 -7.21
C LYS B 187 -3.03 3.43 -8.26
N THR B 188 -3.32 3.76 -9.53
CA THR B 188 -3.29 2.79 -10.67
C THR B 188 -1.92 2.78 -11.34
N LYS B 189 -0.99 3.68 -10.96
CA LYS B 189 0.32 3.82 -11.65
C LYS B 189 1.09 2.50 -11.59
N PRO B 190 1.16 1.79 -10.44
CA PRO B 190 1.80 0.47 -10.40
C PRO B 190 1.20 -0.53 -11.41
N THR B 191 -0.13 -0.53 -11.56
CA THR B 191 -0.86 -1.38 -12.55
C THR B 191 -0.40 -0.98 -13.96
N GLN B 192 -0.33 0.32 -14.26
CA GLN B 192 0.13 0.84 -15.58
C GLN B 192 1.50 0.24 -15.90
N HIS B 193 2.43 0.29 -14.96
CA HIS B 193 3.85 -0.13 -15.16
C HIS B 193 3.94 -1.65 -15.25
N SER B 194 3.16 -2.38 -14.44
CA SER B 194 3.11 -3.86 -14.45
C SER B 194 2.58 -4.36 -15.79
N VAL B 195 1.49 -3.76 -16.27
CA VAL B 195 0.84 -4.15 -17.56
C VAL B 195 1.81 -3.89 -18.72
N LYS B 196 2.59 -2.80 -18.67
CA LYS B 196 3.63 -2.50 -19.69
C LYS B 196 4.64 -3.65 -19.74
N GLU B 197 5.07 -4.17 -18.58
CA GLU B 197 6.04 -5.30 -18.50
CA GLU B 197 6.04 -5.30 -18.50
C GLU B 197 5.41 -6.54 -19.16
N LEU B 198 4.11 -6.76 -18.92
CA LEU B 198 3.33 -7.87 -19.50
C LEU B 198 3.33 -7.73 -21.04
N LEU B 199 3.00 -6.55 -21.55
CA LEU B 199 2.96 -6.24 -23.01
C LEU B 199 4.35 -6.48 -23.63
N SER B 200 5.42 -6.09 -22.93
CA SER B 200 6.82 -6.19 -23.42
CA SER B 200 6.83 -6.19 -23.39
C SER B 200 7.20 -7.66 -23.68
N ILE B 201 6.60 -8.60 -22.96
CA ILE B 201 6.88 -10.06 -23.14
C ILE B 201 5.75 -10.73 -23.93
N GLY B 202 4.86 -9.93 -24.55
CA GLY B 202 3.88 -10.39 -25.56
C GLY B 202 2.58 -10.88 -24.96
N ILE B 203 2.27 -10.49 -23.72
CA ILE B 203 0.98 -10.86 -23.04
C ILE B 203 0.12 -9.60 -22.88
N GLN B 204 -1.10 -9.64 -23.40
CA GLN B 204 -2.15 -8.63 -23.16
C GLN B 204 -3.14 -9.21 -22.14
N PRO B 205 -3.26 -8.62 -20.93
CA PRO B 205 -4.21 -9.14 -19.95
C PRO B 205 -5.65 -8.97 -20.44
N ASP B 206 -6.51 -9.94 -20.13
CA ASP B 206 -7.97 -9.92 -20.42
C ASP B 206 -8.73 -9.42 -19.20
N ILE B 207 -8.28 -9.80 -18.01
CA ILE B 207 -8.94 -9.53 -16.70
C ILE B 207 -7.91 -8.92 -15.75
N LEU B 208 -8.26 -7.82 -15.09
CA LEU B 208 -7.43 -7.18 -14.03
C LEU B 208 -8.13 -7.40 -12.69
N ILE B 209 -7.48 -8.16 -11.80
CA ILE B 209 -7.94 -8.37 -10.39
C ILE B 209 -7.17 -7.37 -9.52
N CYS B 210 -7.85 -6.33 -9.03
CA CYS B 210 -7.24 -5.17 -8.34
C CYS B 210 -7.24 -5.42 -6.83
N ARG B 211 -6.06 -5.73 -6.29
CA ARG B 211 -5.83 -5.94 -4.83
C ARG B 211 -5.56 -4.58 -4.18
N SER B 212 -6.19 -4.34 -3.03
CA SER B 212 -6.01 -3.13 -2.18
C SER B 212 -6.52 -3.44 -0.77
N ASP B 213 -6.24 -2.57 0.20
CA ASP B 213 -6.71 -2.70 1.60
C ASP B 213 -8.13 -2.11 1.71
N ARG B 214 -8.74 -1.75 0.58
CA ARG B 214 -10.12 -1.21 0.50
C ARG B 214 -10.67 -1.44 -0.92
N ALA B 215 -11.96 -1.19 -1.13
CA ALA B 215 -12.62 -1.29 -2.44
C ALA B 215 -11.89 -0.37 -3.44
N VAL B 216 -11.63 -0.86 -4.64
CA VAL B 216 -11.10 -0.04 -5.78
C VAL B 216 -12.31 0.56 -6.48
N PRO B 217 -12.57 1.88 -6.32
CA PRO B 217 -13.79 2.50 -6.84
C PRO B 217 -13.91 2.38 -8.37
N ALA B 218 -15.15 2.51 -8.88
CA ALA B 218 -15.52 2.38 -10.30
C ALA B 218 -14.70 3.34 -11.17
N ASN B 219 -14.42 4.54 -10.65
CA ASN B 219 -13.64 5.61 -11.33
C ASN B 219 -12.22 5.08 -11.65
N GLU B 220 -11.56 4.47 -10.67
CA GLU B 220 -10.19 3.90 -10.82
C GLU B 220 -10.24 2.66 -11.71
N ARG B 221 -11.25 1.80 -11.54
CA ARG B 221 -11.46 0.59 -12.36
C ARG B 221 -11.64 1.01 -13.83
N ALA B 222 -12.38 2.10 -14.09
CA ALA B 222 -12.62 2.66 -15.43
C ALA B 222 -11.31 3.13 -16.04
N LYS B 223 -10.47 3.82 -15.27
CA LYS B 223 -9.10 4.25 -15.67
C LYS B 223 -8.29 3.02 -16.13
N ILE B 224 -8.29 1.96 -15.32
CA ILE B 224 -7.52 0.70 -15.58
C ILE B 224 -8.07 0.05 -16.86
N ALA B 225 -9.40 0.01 -17.01
CA ALA B 225 -10.08 -0.57 -18.20
C ALA B 225 -9.58 0.09 -19.48
N LEU B 226 -9.49 1.43 -19.47
CA LEU B 226 -9.07 2.22 -20.67
CA LEU B 226 -9.08 2.23 -20.66
C LEU B 226 -7.60 1.96 -20.98
N PHE B 227 -6.69 2.07 -19.99
CA PHE B 227 -5.24 1.97 -20.28
CA PHE B 227 -5.22 1.94 -20.17
C PHE B 227 -4.88 0.52 -20.61
N CYS B 228 -5.67 -0.47 -20.18
CA CYS B 228 -5.46 -1.92 -20.48
C CYS B 228 -6.22 -2.35 -21.75
N ASN B 229 -7.11 -1.50 -22.27
CA ASN B 229 -8.02 -1.81 -23.40
C ASN B 229 -8.80 -3.10 -23.12
N VAL B 230 -9.46 -3.16 -21.96
CA VAL B 230 -10.40 -4.26 -21.60
C VAL B 230 -11.73 -3.63 -21.19
N PRO B 231 -12.86 -4.36 -21.31
CA PRO B 231 -14.14 -3.89 -20.77
C PRO B 231 -14.04 -3.59 -19.26
N GLU B 232 -14.81 -2.61 -18.78
CA GLU B 232 -14.87 -2.24 -17.34
C GLU B 232 -15.29 -3.44 -16.50
N LYS B 233 -16.12 -4.34 -17.07
CA LYS B 233 -16.60 -5.56 -16.38
C LYS B 233 -15.46 -6.59 -16.23
N ALA B 234 -14.34 -6.42 -16.96
CA ALA B 234 -13.15 -7.28 -16.86
C ALA B 234 -12.16 -6.74 -15.83
N VAL B 235 -12.47 -5.60 -15.20
CA VAL B 235 -11.65 -5.01 -14.10
C VAL B 235 -12.40 -5.22 -12.78
N ILE B 236 -11.83 -6.05 -11.90
CA ILE B 236 -12.47 -6.56 -10.64
C ILE B 236 -11.75 -5.95 -9.44
N SER B 237 -12.52 -5.44 -8.46
CA SER B 237 -12.03 -5.03 -7.12
C SER B 237 -12.01 -6.25 -6.21
N LEU B 238 -10.85 -6.56 -5.62
CA LEU B 238 -10.70 -7.62 -4.59
C LEU B 238 -9.98 -7.02 -3.39
N LYS B 239 -10.72 -6.37 -2.49
CA LYS B 239 -10.18 -5.71 -1.27
C LYS B 239 -9.71 -6.80 -0.29
N ASP B 240 -8.87 -6.42 0.67
CA ASP B 240 -8.50 -7.28 1.83
C ASP B 240 -9.80 -7.72 2.51
N VAL B 241 -9.92 -9.01 2.84
CA VAL B 241 -11.12 -9.62 3.48
C VAL B 241 -10.67 -10.29 4.79
N ASP B 242 -11.58 -10.36 5.78
CA ASP B 242 -11.32 -11.02 7.08
C ASP B 242 -11.43 -12.55 6.92
N SER B 243 -12.07 -13.02 5.85
CA SER B 243 -12.27 -14.47 5.54
C SER B 243 -12.15 -14.73 4.04
N ILE B 244 -11.29 -15.67 3.66
CA ILE B 244 -11.07 -16.11 2.25
C ILE B 244 -12.33 -16.80 1.71
N TYR B 245 -13.22 -17.29 2.59
CA TYR B 245 -14.47 -18.00 2.23
C TYR B 245 -15.46 -17.03 1.56
N LYS B 246 -15.27 -15.72 1.76
CA LYS B 246 -16.11 -14.64 1.17
C LYS B 246 -15.72 -14.36 -0.28
N ILE B 247 -14.52 -14.74 -0.71
CA ILE B 247 -13.94 -14.28 -2.01
C ILE B 247 -14.76 -14.83 -3.18
N PRO B 248 -15.17 -16.12 -3.21
CA PRO B 248 -16.02 -16.62 -4.29
C PRO B 248 -17.26 -15.74 -4.52
N GLY B 249 -17.99 -15.40 -3.45
CA GLY B 249 -19.17 -14.53 -3.49
C GLY B 249 -18.83 -13.13 -4.01
N LEU B 250 -17.72 -12.55 -3.54
CA LEU B 250 -17.27 -11.19 -3.90
C LEU B 250 -16.97 -11.14 -5.41
N LEU B 251 -16.30 -12.16 -5.95
CA LEU B 251 -15.96 -12.25 -7.40
C LEU B 251 -17.25 -12.46 -8.20
N LYS B 252 -18.16 -13.30 -7.72
CA LYS B 252 -19.46 -13.60 -8.40
C LYS B 252 -20.29 -12.31 -8.50
N SER B 253 -20.33 -11.53 -7.42
CA SER B 253 -21.15 -10.28 -7.32
C SER B 253 -20.71 -9.26 -8.37
N GLN B 254 -19.44 -9.33 -8.83
CA GLN B 254 -18.89 -8.44 -9.88
C GLN B 254 -18.95 -9.14 -11.25
N GLY B 255 -19.54 -10.33 -11.32
CA GLY B 255 -19.87 -11.04 -12.56
C GLY B 255 -18.65 -11.60 -13.27
N LEU B 256 -17.57 -11.89 -12.55
CA LEU B 256 -16.29 -12.38 -13.15
C LEU B 256 -16.55 -13.72 -13.86
N ASP B 257 -17.27 -14.63 -13.21
CA ASP B 257 -17.57 -15.99 -13.76
C ASP B 257 -18.47 -15.84 -15.01
N ASP B 258 -19.38 -14.86 -15.03
CA ASP B 258 -20.23 -14.55 -16.22
C ASP B 258 -19.31 -14.17 -17.40
N TYR B 259 -18.34 -13.28 -17.17
CA TYR B 259 -17.41 -12.80 -18.22
C TYR B 259 -16.61 -13.98 -18.78
N ILE B 260 -16.11 -14.86 -17.91
CA ILE B 260 -15.29 -16.05 -18.28
C ILE B 260 -16.14 -17.01 -19.11
N CYS B 261 -17.37 -17.31 -18.67
CA CYS B 261 -18.31 -18.23 -19.36
C CYS B 261 -18.69 -17.66 -20.73
N LYS B 262 -18.82 -16.34 -20.83
CA LYS B 262 -19.11 -15.62 -22.11
C LYS B 262 -17.90 -15.80 -23.05
N ARG B 263 -16.69 -15.50 -22.56
CA ARG B 263 -15.43 -15.55 -23.35
C ARG B 263 -15.18 -16.98 -23.86
N PHE B 264 -15.48 -18.01 -23.05
CA PHE B 264 -15.25 -19.44 -23.39
C PHE B 264 -16.50 -20.08 -24.00
N SER B 265 -17.57 -19.31 -24.23
CA SER B 265 -18.85 -19.77 -24.82
C SER B 265 -19.37 -20.98 -24.04
N LEU B 266 -19.38 -20.89 -22.71
CA LEU B 266 -19.86 -21.96 -21.78
C LEU B 266 -21.27 -21.60 -21.31
N ASN B 267 -22.28 -22.35 -21.77
CA ASN B 267 -23.69 -22.22 -21.31
CA ASN B 267 -23.69 -22.22 -21.31
C ASN B 267 -23.88 -23.12 -20.10
N CYS B 268 -23.90 -22.54 -18.90
CA CYS B 268 -24.07 -23.24 -17.61
C CYS B 268 -24.97 -22.41 -16.68
N PRO B 269 -25.69 -23.06 -15.74
CA PRO B 269 -26.59 -22.33 -14.84
C PRO B 269 -25.80 -21.44 -13.88
N GLU B 270 -26.49 -20.52 -13.20
CA GLU B 270 -25.91 -19.59 -12.20
C GLU B 270 -25.17 -20.39 -11.13
N ALA B 271 -24.06 -19.84 -10.62
CA ALA B 271 -23.28 -20.41 -9.51
C ALA B 271 -24.16 -20.51 -8.26
N ASN B 272 -24.31 -21.71 -7.71
CA ASN B 272 -24.97 -21.97 -6.40
C ASN B 272 -23.89 -21.98 -5.32
N LEU B 273 -23.71 -20.86 -4.63
CA LEU B 273 -22.68 -20.68 -3.56
C LEU B 273 -23.31 -20.83 -2.18
N SER B 274 -24.44 -21.54 -2.07
CA SER B 274 -25.19 -21.74 -0.79
C SER B 274 -24.27 -22.36 0.27
N GLU B 275 -23.41 -23.31 -0.12
CA GLU B 275 -22.48 -24.01 0.81
C GLU B 275 -21.44 -23.00 1.34
N TRP B 276 -20.98 -22.08 0.50
CA TRP B 276 -20.01 -21.01 0.88
C TRP B 276 -20.70 -20.00 1.78
N GLU B 277 -21.94 -19.60 1.44
CA GLU B 277 -22.77 -18.70 2.27
C GLU B 277 -22.93 -19.30 3.68
N GLN B 278 -23.15 -20.61 3.77
CA GLN B 278 -23.28 -21.35 5.06
C GLN B 278 -21.96 -21.24 5.84
N VAL B 279 -20.82 -21.50 5.18
CA VAL B 279 -19.47 -21.44 5.80
C VAL B 279 -19.24 -20.03 6.38
N ILE B 280 -19.53 -18.99 5.60
CA ILE B 280 -19.37 -17.56 6.01
C ILE B 280 -20.23 -17.31 7.25
N PHE B 281 -21.49 -17.75 7.22
CA PHE B 281 -22.47 -17.60 8.34
C PHE B 281 -21.95 -18.28 9.59
N GLU B 282 -21.56 -19.56 9.49
CA GLU B 282 -21.01 -20.37 10.61
C GLU B 282 -19.85 -19.61 11.27
N GLU B 283 -18.89 -19.16 10.45
CA GLU B 283 -17.65 -18.47 10.89
C GLU B 283 -18.00 -17.18 11.64
N ALA B 284 -19.01 -16.45 11.16
CA ALA B 284 -19.42 -15.11 11.67
C ALA B 284 -20.22 -15.23 12.97
N ASN B 285 -20.76 -16.42 13.29
CA ASN B 285 -21.73 -16.61 14.40
C ASN B 285 -21.33 -17.80 15.28
N PRO B 286 -20.14 -17.75 15.92
CA PRO B 286 -19.77 -18.75 16.94
C PRO B 286 -20.64 -18.60 18.20
N VAL B 287 -21.05 -19.72 18.79
CA VAL B 287 -21.89 -19.77 20.02
C VAL B 287 -20.98 -19.63 21.25
N SER B 288 -19.81 -20.29 21.23
CA SER B 288 -18.82 -20.28 22.33
C SER B 288 -17.39 -20.18 21.75
N GLU B 289 -16.40 -20.08 22.63
CA GLU B 289 -14.96 -19.92 22.28
C GLU B 289 -14.13 -20.94 23.06
N VAL B 290 -13.11 -21.51 22.42
CA VAL B 290 -12.12 -22.44 23.04
C VAL B 290 -10.71 -21.96 22.71
N THR B 291 -9.75 -22.23 23.59
CA THR B 291 -8.30 -22.02 23.36
C THR B 291 -7.65 -23.40 23.19
N ILE B 292 -7.12 -23.68 21.99
CA ILE B 292 -6.44 -24.96 21.65
C ILE B 292 -4.94 -24.66 21.44
N GLY B 293 -4.09 -25.31 22.23
CA GLY B 293 -2.63 -25.20 22.12
C GLY B 293 -2.09 -26.13 21.04
N MET B 294 -1.39 -25.57 20.05
CA MET B 294 -0.62 -26.35 19.04
C MET B 294 0.86 -26.34 19.44
N VAL B 295 1.33 -27.45 20.02
CA VAL B 295 2.69 -27.58 20.62
C VAL B 295 3.61 -28.29 19.62
N GLY B 296 4.48 -27.54 18.95
CA GLY B 296 5.36 -28.03 17.87
C GLY B 296 6.71 -27.35 17.87
N LYS B 297 7.52 -27.64 16.84
CA LYS B 297 8.95 -27.21 16.74
C LYS B 297 9.16 -26.28 15.54
N TYR B 298 8.10 -25.87 14.84
CA TYR B 298 8.17 -25.00 13.64
C TYR B 298 7.25 -23.78 13.78
N ILE B 299 6.90 -23.38 15.01
CA ILE B 299 5.86 -22.33 15.25
C ILE B 299 6.32 -20.98 14.71
N GLU B 300 7.63 -20.77 14.55
CA GLU B 300 8.23 -19.48 14.08
C GLU B 300 7.68 -19.11 12.69
N LEU B 301 7.20 -20.09 11.91
CA LEU B 301 6.40 -19.84 10.68
C LEU B 301 5.08 -20.60 10.78
N PRO B 302 3.95 -19.94 11.12
CA PRO B 302 2.65 -20.59 11.18
C PRO B 302 2.27 -21.42 9.95
N ASP B 303 2.70 -20.98 8.75
CA ASP B 303 2.43 -21.66 7.45
C ASP B 303 3.03 -23.07 7.44
N ALA B 304 3.96 -23.37 8.35
CA ALA B 304 4.51 -24.73 8.59
C ALA B 304 3.37 -25.70 8.96
N TYR B 305 2.28 -25.19 9.55
CA TYR B 305 1.10 -25.96 10.02
C TYR B 305 -0.18 -25.47 9.32
N LYS B 306 -0.05 -24.98 8.08
CA LYS B 306 -1.15 -24.31 7.33
C LYS B 306 -2.43 -25.15 7.39
N SER B 307 -2.38 -26.39 6.92
CA SER B 307 -3.57 -27.28 6.76
C SER B 307 -4.12 -27.67 8.14
N VAL B 308 -3.25 -27.77 9.16
CA VAL B 308 -3.64 -28.12 10.55
C VAL B 308 -4.44 -26.94 11.13
N ILE B 309 -3.96 -25.71 10.94
CA ILE B 309 -4.62 -24.45 11.40
C ILE B 309 -5.99 -24.36 10.73
N GLU B 310 -6.08 -24.60 9.42
CA GLU B 310 -7.35 -24.53 8.66
C GLU B 310 -8.30 -25.63 9.15
N ALA B 311 -7.78 -26.84 9.38
CA ALA B 311 -8.56 -28.01 9.88
C ALA B 311 -9.21 -27.68 11.23
N LEU B 312 -8.48 -26.98 12.12
CA LEU B 312 -8.98 -26.56 13.45
C LEU B 312 -10.12 -25.55 13.26
N LYS B 313 -9.94 -24.59 12.33
CA LYS B 313 -11.00 -23.60 11.96
C LYS B 313 -12.25 -24.36 11.47
N HIS B 314 -12.09 -25.34 10.58
CA HIS B 314 -13.20 -26.16 10.02
C HIS B 314 -13.90 -26.92 11.15
N GLY B 315 -13.13 -27.38 12.14
CA GLY B 315 -13.66 -27.99 13.38
C GLY B 315 -14.56 -27.02 14.12
N GLY B 316 -14.15 -25.75 14.20
CA GLY B 316 -14.93 -24.64 14.75
C GLY B 316 -16.26 -24.46 14.03
N LEU B 317 -16.23 -24.39 12.70
CA LEU B 317 -17.41 -24.15 11.83
C LEU B 317 -18.49 -25.20 12.13
N LYS B 318 -18.10 -26.48 12.21
CA LYS B 318 -19.03 -27.63 12.33
C LYS B 318 -19.62 -27.70 13.74
N ASN B 319 -18.96 -27.07 14.73
CA ASN B 319 -19.41 -27.06 16.15
C ASN B 319 -19.96 -25.67 16.52
N ARG B 320 -19.88 -24.69 15.60
CA ARG B 320 -20.24 -23.27 15.85
C ARG B 320 -19.42 -22.76 17.04
N VAL B 321 -18.13 -23.10 17.06
CA VAL B 321 -17.16 -22.73 18.13
C VAL B 321 -16.04 -21.89 17.49
N SER B 322 -15.71 -20.76 18.11
CA SER B 322 -14.53 -19.92 17.75
C SER B 322 -13.28 -20.55 18.37
N VAL B 323 -12.30 -20.96 17.55
CA VAL B 323 -11.06 -21.64 18.01
C VAL B 323 -9.93 -20.61 18.08
N ASN B 324 -9.47 -20.31 19.30
CA ASN B 324 -8.26 -19.49 19.55
CA ASN B 324 -8.25 -19.50 19.55
C ASN B 324 -7.05 -20.44 19.53
N ILE B 325 -6.31 -20.46 18.41
CA ILE B 325 -5.12 -21.32 18.21
C ILE B 325 -3.92 -20.64 18.86
N LYS B 326 -3.38 -21.23 19.92
CA LYS B 326 -2.16 -20.73 20.63
C LYS B 326 -0.96 -21.59 20.20
N LEU B 327 -0.10 -21.03 19.33
CA LEU B 327 1.15 -21.69 18.87
C LEU B 327 2.16 -21.67 20.03
N ILE B 328 2.55 -22.85 20.52
CA ILE B 328 3.48 -23.02 21.67
C ILE B 328 4.73 -23.77 21.17
N ASP B 329 5.91 -23.22 21.45
CA ASP B 329 7.23 -23.86 21.17
C ASP B 329 7.40 -25.01 22.15
N SER B 330 7.56 -26.25 21.65
CA SER B 330 7.74 -27.47 22.47
C SER B 330 9.03 -27.36 23.30
N GLN B 331 10.04 -26.64 22.81
CA GLN B 331 11.33 -26.43 23.51
C GLN B 331 11.12 -25.56 24.77
N ASP B 332 10.10 -24.70 24.77
CA ASP B 332 9.73 -23.86 25.95
C ASP B 332 9.14 -24.75 27.04
N VAL B 333 8.49 -25.86 26.67
CA VAL B 333 7.93 -26.87 27.63
C VAL B 333 9.10 -27.57 28.33
N GLU B 334 10.21 -27.77 27.61
CA GLU B 334 11.43 -28.45 28.13
C GLU B 334 12.11 -27.57 29.19
N THR B 335 12.22 -26.26 28.92
CA THR B 335 12.97 -25.27 29.76
C THR B 335 12.08 -24.74 30.88
N ARG B 336 10.85 -24.31 30.57
CA ARG B 336 9.95 -23.60 31.51
C ARG B 336 8.93 -24.56 32.15
N GLY B 337 8.85 -25.81 31.67
CA GLY B 337 7.96 -26.85 32.24
C GLY B 337 6.53 -26.72 31.74
N VAL B 338 5.61 -27.49 32.35
CA VAL B 338 4.19 -27.63 31.92
C VAL B 338 3.37 -26.39 32.32
N GLU B 339 3.99 -25.42 33.00
CA GLU B 339 3.37 -24.13 33.41
C GLU B 339 2.76 -23.43 32.19
N ILE B 340 3.42 -23.49 31.03
CA ILE B 340 3.05 -22.73 29.80
C ILE B 340 1.92 -23.46 29.04
N LEU B 341 1.48 -24.63 29.51
CA LEU B 341 0.34 -25.41 28.92
C LEU B 341 -0.95 -25.15 29.70
N LYS B 342 -0.93 -24.22 30.66
CA LYS B 342 -2.12 -23.85 31.48
C LYS B 342 -3.07 -22.99 30.65
N GLY B 343 -4.37 -23.11 30.91
CA GLY B 343 -5.44 -22.31 30.27
C GLY B 343 -5.76 -22.79 28.86
N LEU B 344 -5.49 -24.06 28.56
CA LEU B 344 -5.79 -24.71 27.27
C LEU B 344 -7.01 -25.62 27.43
N ASP B 345 -7.95 -25.56 26.48
CA ASP B 345 -9.18 -26.39 26.45
C ASP B 345 -8.88 -27.70 25.70
N ALA B 346 -7.82 -27.72 24.90
CA ALA B 346 -7.34 -28.91 24.14
C ALA B 346 -5.88 -28.70 23.71
N ILE B 347 -5.19 -29.80 23.41
CA ILE B 347 -3.75 -29.79 22.99
C ILE B 347 -3.63 -30.61 21.70
N LEU B 348 -3.02 -30.01 20.67
CA LEU B 348 -2.68 -30.70 19.38
C LEU B 348 -1.16 -30.69 19.23
N VAL B 349 -0.56 -31.87 19.04
CA VAL B 349 0.88 -32.03 18.66
C VAL B 349 0.93 -32.44 17.19
N PRO B 350 1.40 -31.55 16.29
CA PRO B 350 1.44 -31.84 14.85
C PRO B 350 2.69 -32.63 14.44
N GLY B 351 2.87 -32.84 13.13
CA GLY B 351 3.97 -33.64 12.54
C GLY B 351 5.31 -32.93 12.63
N GLY B 352 6.40 -33.69 12.51
CA GLY B 352 7.77 -33.16 12.53
C GLY B 352 8.82 -34.26 12.41
N PHE B 353 10.05 -33.85 12.13
CA PHE B 353 11.25 -34.74 12.00
C PHE B 353 12.38 -34.16 12.86
N GLY B 354 13.29 -35.02 13.33
CA GLY B 354 14.43 -34.64 14.18
C GLY B 354 14.03 -34.54 15.64
N TYR B 355 15.01 -34.65 16.55
CA TYR B 355 14.81 -34.82 18.00
C TYR B 355 14.53 -33.47 18.69
N ARG B 356 14.99 -32.36 18.11
CA ARG B 356 14.85 -31.00 18.70
C ARG B 356 13.39 -30.75 19.05
N GLY B 357 13.09 -30.58 20.35
CA GLY B 357 11.77 -30.19 20.87
C GLY B 357 10.86 -31.38 21.14
N VAL B 358 11.31 -32.61 20.87
CA VAL B 358 10.47 -33.85 20.94
C VAL B 358 10.17 -34.16 22.41
N GLU B 359 11.16 -34.04 23.30
CA GLU B 359 11.00 -34.33 24.75
C GLU B 359 9.92 -33.42 25.35
N GLY B 360 9.86 -32.16 24.90
CA GLY B 360 8.80 -31.19 25.26
C GLY B 360 7.43 -31.67 24.83
N MET B 361 7.33 -32.30 23.65
CA MET B 361 6.08 -32.85 23.08
C MET B 361 5.64 -34.08 23.88
N ILE B 362 6.59 -34.92 24.33
CA ILE B 362 6.32 -36.13 25.16
C ILE B 362 5.73 -35.66 26.50
N THR B 363 6.34 -34.65 27.12
CA THR B 363 5.88 -34.00 28.37
C THR B 363 4.47 -33.42 28.16
N THR B 364 4.24 -32.81 26.99
CA THR B 364 2.93 -32.20 26.59
C THR B 364 1.86 -33.28 26.51
N ALA B 365 2.18 -34.43 25.88
CA ALA B 365 1.27 -35.59 25.73
C ALA B 365 0.93 -36.16 27.12
N ARG B 366 1.94 -36.28 28.01
CA ARG B 366 1.78 -36.74 29.41
C ARG B 366 0.82 -35.81 30.16
N PHE B 367 1.03 -34.50 30.05
CA PHE B 367 0.22 -33.44 30.70
C PHE B 367 -1.25 -33.59 30.26
N ALA B 368 -1.49 -33.70 28.96
CA ALA B 368 -2.83 -33.83 28.35
C ALA B 368 -3.51 -35.12 28.84
N ARG B 369 -2.76 -36.23 28.92
CA ARG B 369 -3.28 -37.56 29.32
C ARG B 369 -3.65 -37.55 30.80
N GLU B 370 -2.76 -37.04 31.66
CA GLU B 370 -2.89 -37.08 33.14
C GLU B 370 -3.98 -36.11 33.59
N ASN B 371 -4.10 -34.94 32.95
CA ASN B 371 -5.02 -33.84 33.36
C ASN B 371 -6.34 -33.91 32.56
N ASN B 372 -6.53 -34.96 31.76
CA ASN B 372 -7.79 -35.24 31.02
C ASN B 372 -8.12 -34.07 30.08
N ILE B 373 -7.10 -33.46 29.47
CA ILE B 373 -7.25 -32.35 28.46
C ILE B 373 -7.33 -32.99 27.08
N PRO B 374 -8.39 -32.73 26.29
CA PRO B 374 -8.51 -33.28 24.94
C PRO B 374 -7.19 -33.19 24.15
N TYR B 375 -6.79 -34.30 23.53
CA TYR B 375 -5.50 -34.45 22.80
C TYR B 375 -5.75 -35.02 21.40
N LEU B 376 -5.14 -34.39 20.38
CA LEU B 376 -5.02 -34.91 19.00
C LEU B 376 -3.55 -34.87 18.60
N GLY B 377 -2.95 -36.04 18.38
CA GLY B 377 -1.56 -36.20 17.89
C GLY B 377 -1.54 -36.61 16.43
N ILE B 378 -0.76 -35.91 15.60
CA ILE B 378 -0.62 -36.20 14.15
C ILE B 378 0.84 -36.59 13.87
N CYS B 379 1.04 -37.85 13.43
CA CYS B 379 2.35 -38.41 13.01
C CYS B 379 3.32 -38.39 14.20
N LEU B 380 4.20 -37.39 14.30
CA LEU B 380 5.11 -37.18 15.46
C LEU B 380 4.26 -37.07 16.73
N GLY B 381 3.08 -36.45 16.63
CA GLY B 381 2.10 -36.33 17.73
C GLY B 381 1.63 -37.68 18.25
N MET B 382 1.60 -38.71 17.40
CA MET B 382 1.25 -40.10 17.78
C MET B 382 2.48 -40.77 18.43
N GLN B 383 3.66 -40.57 17.84
CA GLN B 383 4.94 -41.11 18.37
C GLN B 383 5.09 -40.72 19.85
N VAL B 384 4.97 -39.41 20.15
CA VAL B 384 5.22 -38.84 21.51
C VAL B 384 4.15 -39.35 22.49
N ALA B 385 2.92 -39.56 22.01
CA ALA B 385 1.79 -40.14 22.78
C ALA B 385 2.12 -41.59 23.13
N LEU B 386 2.67 -42.36 22.19
CA LEU B 386 3.09 -43.78 22.39
C LEU B 386 4.27 -43.82 23.36
N ILE B 387 5.29 -42.97 23.13
CA ILE B 387 6.51 -42.86 23.98
C ILE B 387 6.09 -42.50 25.42
N ASP B 388 5.19 -41.52 25.57
CA ASP B 388 4.64 -41.09 26.88
C ASP B 388 4.04 -42.30 27.59
N TYR B 389 3.13 -43.02 26.93
CA TYR B 389 2.37 -44.15 27.51
C TYR B 389 3.33 -45.31 27.83
N ALA B 390 4.30 -45.56 26.95
CA ALA B 390 5.35 -46.59 27.11
C ALA B 390 6.16 -46.30 28.39
N ARG B 391 6.65 -45.07 28.52
CA ARG B 391 7.54 -44.62 29.63
C ARG B 391 6.78 -44.62 30.97
N HIS B 392 5.61 -43.97 31.00
CA HIS B 392 4.95 -43.50 32.25
C HIS B 392 3.80 -44.41 32.69
N VAL B 393 3.35 -45.35 31.85
CA VAL B 393 2.24 -46.30 32.17
C VAL B 393 2.72 -47.74 32.06
N ALA B 394 3.42 -48.09 30.97
CA ALA B 394 3.95 -49.45 30.70
C ALA B 394 5.32 -49.64 31.37
N ASN B 395 5.88 -48.57 31.95
CA ASN B 395 7.14 -48.57 32.72
C ASN B 395 8.30 -49.07 31.85
N MET B 396 8.34 -48.63 30.59
CA MET B 396 9.46 -48.86 29.64
C MET B 396 10.39 -47.66 29.68
N GLU B 397 11.31 -47.63 30.66
CA GLU B 397 12.17 -46.46 30.96
C GLU B 397 12.94 -46.05 29.70
N ASN B 398 12.92 -44.74 29.39
CA ASN B 398 13.69 -44.10 28.29
C ASN B 398 13.23 -44.62 26.93
N ALA B 399 12.00 -45.14 26.82
CA ALA B 399 11.36 -45.54 25.54
C ALA B 399 11.42 -44.35 24.58
N ASN B 400 11.73 -44.60 23.31
CA ASN B 400 12.01 -43.52 22.31
C ASN B 400 11.85 -44.06 20.90
N SER B 401 12.08 -43.20 19.89
CA SER B 401 12.22 -43.56 18.46
C SER B 401 13.70 -43.74 18.11
N THR B 402 14.00 -44.65 17.18
CA THR B 402 15.36 -44.90 16.64
C THR B 402 15.82 -43.68 15.82
N GLU B 403 14.89 -42.83 15.37
CA GLU B 403 15.17 -41.53 14.70
C GLU B 403 15.95 -40.62 15.66
N PHE B 404 15.64 -40.70 16.97
CA PHE B 404 16.11 -39.75 18.01
C PHE B 404 17.24 -40.38 18.83
N VAL B 405 17.00 -41.59 19.38
CA VAL B 405 18.00 -42.38 20.16
C VAL B 405 18.08 -43.77 19.54
N PRO B 406 18.95 -43.97 18.52
CA PRO B 406 19.02 -45.24 17.79
C PRO B 406 19.29 -46.48 18.64
N ASP B 407 20.04 -46.33 19.74
CA ASP B 407 20.54 -47.45 20.59
CA ASP B 407 20.54 -47.46 20.57
C ASP B 407 19.68 -47.60 21.85
N CYS B 408 18.52 -46.95 21.89
CA CYS B 408 17.58 -46.98 23.05
C CYS B 408 17.09 -48.42 23.28
N LYS B 409 16.85 -48.78 24.55
CA LYS B 409 16.49 -50.15 24.99
C LYS B 409 15.10 -50.53 24.46
N TYR B 410 14.14 -49.60 24.53
CA TYR B 410 12.73 -49.78 24.09
C TYR B 410 12.44 -48.88 22.89
N PRO B 411 12.84 -49.27 21.66
CA PRO B 411 12.49 -48.52 20.46
C PRO B 411 11.02 -48.77 20.06
N VAL B 412 10.09 -48.15 20.79
CA VAL B 412 8.61 -48.29 20.57
C VAL B 412 8.26 -47.73 19.18
N VAL B 413 9.05 -46.79 18.68
CA VAL B 413 8.96 -46.25 17.28
C VAL B 413 10.28 -46.53 16.57
N ALA B 414 10.23 -47.06 15.35
CA ALA B 414 11.42 -47.40 14.53
C ALA B 414 11.01 -47.76 13.10
N LEU B 415 11.97 -47.71 12.17
CA LEU B 415 11.82 -48.24 10.79
C LEU B 415 11.51 -49.74 10.89
N ILE B 416 10.72 -50.29 9.97
CA ILE B 416 10.31 -51.72 9.95
C ILE B 416 11.57 -52.60 10.00
N THR B 417 12.63 -52.19 9.30
CA THR B 417 13.92 -52.94 9.19
C THR B 417 14.66 -52.94 10.53
N GLU B 418 14.41 -51.96 11.40
CA GLU B 418 15.10 -51.77 12.70
C GLU B 418 14.34 -52.47 13.84
N TRP B 419 13.11 -52.95 13.59
CA TRP B 419 12.21 -53.55 14.62
C TRP B 419 12.98 -54.57 15.46
N ARG B 420 13.09 -54.33 16.77
CA ARG B 420 13.68 -55.26 17.76
C ARG B 420 12.91 -55.14 19.08
N ASP B 421 13.01 -56.14 19.97
CA ASP B 421 12.44 -56.10 21.34
C ASP B 421 13.51 -55.58 22.30
N GLU B 422 13.19 -55.54 23.61
CA GLU B 422 14.06 -54.98 24.68
C GLU B 422 15.35 -55.81 24.82
N ASN B 423 15.32 -57.09 24.43
CA ASN B 423 16.45 -58.04 24.53
C ASN B 423 17.31 -57.99 23.26
N GLY B 424 16.88 -57.27 22.23
CA GLY B 424 17.59 -57.13 20.94
C GLY B 424 17.24 -58.23 19.95
N ASN B 425 16.19 -59.02 20.25
CA ASN B 425 15.66 -60.09 19.35
C ASN B 425 14.91 -59.42 18.19
N VAL B 426 14.78 -60.12 17.06
CA VAL B 426 14.18 -59.59 15.79
C VAL B 426 13.20 -60.63 15.23
N GLU B 427 12.42 -60.23 14.21
CA GLU B 427 11.42 -61.10 13.52
C GLU B 427 12.12 -62.03 12.53
N VAL B 428 11.43 -63.09 12.10
CA VAL B 428 11.90 -64.11 11.12
C VAL B 428 13.06 -64.90 11.76
N MET B 439 10.06 -43.53 3.25
CA MET B 439 9.00 -42.50 3.45
C MET B 439 7.70 -42.99 2.78
N ARG B 440 6.68 -43.32 3.58
CA ARG B 440 5.30 -43.63 3.11
C ARG B 440 4.60 -42.32 2.76
N LEU B 441 4.13 -42.19 1.52
CA LEU B 441 3.55 -40.94 0.96
C LEU B 441 2.19 -41.23 0.32
N GLY B 442 1.21 -40.35 0.56
CA GLY B 442 -0.08 -40.32 -0.16
C GLY B 442 -1.13 -41.19 0.50
N ALA B 443 -2.26 -41.37 -0.20
CA ALA B 443 -3.48 -42.04 0.29
C ALA B 443 -3.22 -43.53 0.53
N GLN B 444 -3.71 -44.04 1.66
CA GLN B 444 -3.76 -45.50 1.95
C GLN B 444 -5.01 -45.80 2.77
N GLN B 445 -5.65 -46.93 2.50
CA GLN B 445 -6.82 -47.42 3.26
C GLN B 445 -6.33 -47.82 4.66
N CYS B 446 -7.09 -47.42 5.69
N CYS B 446 -7.08 -47.42 5.69
CA CYS B 446 -6.86 -47.77 7.12
CA CYS B 446 -6.85 -47.78 7.11
C CYS B 446 -8.11 -48.48 7.66
C CYS B 446 -8.10 -48.49 7.65
N GLN B 447 -7.92 -49.64 8.30
CA GLN B 447 -9.03 -50.44 8.90
C GLN B 447 -9.25 -49.95 10.33
N LEU B 448 -10.45 -49.48 10.65
CA LEU B 448 -10.83 -48.95 11.99
C LEU B 448 -11.36 -50.10 12.86
N VAL B 449 -10.92 -50.14 14.12
CA VAL B 449 -11.27 -51.21 15.10
C VAL B 449 -12.68 -50.91 15.64
N ASP B 450 -13.53 -51.93 15.73
CA ASP B 450 -14.90 -51.85 16.32
C ASP B 450 -14.81 -51.30 17.75
N ASP B 451 -15.79 -50.47 18.14
CA ASP B 451 -15.95 -49.92 19.52
C ASP B 451 -14.90 -48.84 19.81
N SER B 452 -14.07 -48.47 18.84
CA SER B 452 -13.10 -47.34 18.96
C SER B 452 -13.85 -46.02 18.74
N LEU B 453 -13.33 -44.93 19.30
CA LEU B 453 -13.88 -43.56 19.13
C LEU B 453 -13.86 -43.17 17.65
N VAL B 454 -12.75 -43.42 16.95
CA VAL B 454 -12.55 -43.03 15.53
C VAL B 454 -13.56 -43.80 14.64
N ARG B 455 -13.83 -45.07 14.95
CA ARG B 455 -14.84 -45.89 14.22
C ARG B 455 -16.20 -45.17 14.29
N GLN B 456 -16.56 -44.67 15.47
CA GLN B 456 -17.82 -43.92 15.74
C GLN B 456 -17.81 -42.60 14.96
N LEU B 457 -16.71 -41.84 15.02
CA LEU B 457 -16.61 -40.48 14.41
C LEU B 457 -16.64 -40.58 12.88
N TYR B 458 -15.80 -41.44 12.28
CA TYR B 458 -15.72 -41.66 10.81
C TYR B 458 -16.99 -42.37 10.31
N ASN B 459 -17.64 -43.16 11.16
CA ASN B 459 -18.87 -43.94 10.83
C ASN B 459 -18.61 -44.82 9.60
N ALA B 460 -17.48 -45.54 9.58
CA ALA B 460 -17.10 -46.47 8.50
C ALA B 460 -16.08 -47.47 9.02
N PRO B 461 -16.10 -48.73 8.54
CA PRO B 461 -15.07 -49.71 8.93
C PRO B 461 -13.68 -49.41 8.34
N THR B 462 -13.63 -48.73 7.19
CA THR B 462 -12.37 -48.33 6.51
C THR B 462 -12.41 -46.84 6.16
N ILE B 463 -11.25 -46.19 6.19
CA ILE B 463 -11.05 -44.76 5.78
C ILE B 463 -9.84 -44.69 4.85
N VAL B 464 -9.72 -43.58 4.12
CA VAL B 464 -8.52 -43.25 3.29
C VAL B 464 -7.95 -41.92 3.79
N GLU B 465 -6.73 -41.94 4.31
CA GLU B 465 -5.98 -40.73 4.75
C GLU B 465 -4.56 -40.80 4.17
N ARG B 466 -3.83 -39.69 4.23
CA ARG B 466 -2.56 -39.48 3.50
C ARG B 466 -1.39 -39.49 4.48
N HIS B 467 -0.29 -40.15 4.12
CA HIS B 467 0.94 -40.30 4.94
C HIS B 467 2.05 -39.38 4.44
N ARG B 468 2.93 -38.98 5.36
CA ARG B 468 4.29 -38.43 5.09
C ARG B 468 5.16 -38.70 6.31
N HIS B 469 5.70 -39.92 6.42
CA HIS B 469 6.49 -40.40 7.59
C HIS B 469 7.38 -41.58 7.17
N ARG B 470 8.45 -41.83 7.93
CA ARG B 470 9.38 -42.98 7.75
C ARG B 470 9.19 -43.99 8.90
N TYR B 471 9.11 -43.51 10.14
CA TYR B 471 9.20 -44.32 11.38
C TYR B 471 7.81 -44.82 11.79
N GLU B 472 7.70 -46.12 12.04
CA GLU B 472 6.44 -46.84 12.38
C GLU B 472 6.42 -47.18 13.87
N VAL B 473 5.25 -47.57 14.38
CA VAL B 473 5.09 -48.21 15.72
C VAL B 473 5.73 -49.60 15.64
N ASN B 474 6.61 -49.92 16.60
CA ASN B 474 7.32 -51.23 16.68
C ASN B 474 6.35 -52.28 17.21
N ASN B 475 5.86 -53.17 16.34
CA ASN B 475 4.85 -54.22 16.68
C ASN B 475 5.43 -55.24 17.66
N MET B 476 6.76 -55.31 17.79
CA MET B 476 7.46 -56.25 18.71
C MET B 476 7.30 -55.78 20.17
N LEU B 477 7.13 -54.47 20.40
CA LEU B 477 6.98 -53.87 21.75
C LEU B 477 5.54 -53.39 21.98
N LEU B 478 4.65 -53.56 21.00
CA LEU B 478 3.27 -52.99 20.99
C LEU B 478 2.41 -53.68 22.06
N LYS B 479 2.37 -55.01 22.07
CA LYS B 479 1.45 -55.83 22.91
C LYS B 479 1.63 -55.48 24.39
N GLN B 480 2.86 -55.16 24.81
CA GLN B 480 3.20 -54.80 26.21
C GLN B 480 2.59 -53.42 26.54
N ILE B 481 2.52 -52.51 25.57
CA ILE B 481 1.90 -51.16 25.72
C ILE B 481 0.38 -51.33 25.73
N GLU B 482 -0.16 -52.23 24.90
CA GLU B 482 -1.60 -52.57 24.84
C GLU B 482 -2.05 -53.12 26.20
N ASP B 483 -1.29 -54.06 26.76
CA ASP B 483 -1.57 -54.71 28.08
C ASP B 483 -1.61 -53.65 29.18
N ALA B 484 -0.86 -52.55 29.03
CA ALA B 484 -0.76 -51.43 29.99
C ALA B 484 -1.95 -50.47 29.83
N GLY B 485 -2.84 -50.69 28.86
CA GLY B 485 -4.15 -50.02 28.75
C GLY B 485 -4.39 -49.34 27.41
N LEU B 486 -3.34 -48.99 26.66
CA LEU B 486 -3.45 -48.29 25.35
C LEU B 486 -4.23 -49.17 24.36
N ARG B 487 -5.06 -48.56 23.51
CA ARG B 487 -5.89 -49.26 22.49
C ARG B 487 -5.43 -48.83 21.10
N VAL B 488 -5.20 -49.82 20.22
CA VAL B 488 -4.98 -49.61 18.75
C VAL B 488 -6.37 -49.45 18.13
N ALA B 489 -6.62 -48.32 17.45
CA ALA B 489 -7.93 -47.93 16.90
C ALA B 489 -7.95 -48.09 15.37
N GLY B 490 -6.78 -48.18 14.72
CA GLY B 490 -6.66 -48.31 13.26
C GLY B 490 -5.35 -48.95 12.84
N ARG B 491 -5.39 -49.76 11.78
N ARG B 491 -5.39 -49.76 11.78
CA ARG B 491 -4.23 -50.47 11.19
CA ARG B 491 -4.18 -50.44 11.19
C ARG B 491 -4.25 -50.34 9.66
C ARG B 491 -4.26 -50.36 9.66
N SER B 492 -3.15 -50.67 8.99
CA SER B 492 -3.03 -50.67 7.51
C SER B 492 -2.02 -51.73 7.04
N GLY B 493 -2.21 -52.23 5.81
CA GLY B 493 -1.23 -53.03 5.07
C GLY B 493 -1.13 -54.46 5.57
N ASP B 494 -0.21 -55.23 4.98
CA ASP B 494 0.06 -56.66 5.32
C ASP B 494 0.78 -56.74 6.66
N ASP B 495 1.67 -55.77 6.94
CA ASP B 495 2.48 -55.69 8.19
C ASP B 495 1.62 -55.21 9.37
N GLN B 496 0.33 -54.94 9.14
CA GLN B 496 -0.62 -54.48 10.18
C GLN B 496 0.03 -53.35 10.98
N LEU B 497 0.46 -52.30 10.29
CA LEU B 497 1.12 -51.11 10.89
C LEU B 497 0.05 -50.31 11.67
N VAL B 498 0.39 -49.84 12.86
CA VAL B 498 -0.52 -49.05 13.75
C VAL B 498 -0.70 -47.66 13.11
N GLU B 499 -1.96 -47.28 12.85
CA GLU B 499 -2.35 -46.01 12.18
C GLU B 499 -2.98 -45.06 13.20
N ILE B 500 -3.74 -45.58 14.17
CA ILE B 500 -4.46 -44.77 15.19
C ILE B 500 -4.35 -45.46 16.56
N ILE B 501 -4.04 -44.69 17.60
CA ILE B 501 -4.07 -45.13 19.03
C ILE B 501 -5.06 -44.25 19.80
N GLU B 502 -5.66 -44.80 20.85
CA GLU B 502 -6.62 -44.12 21.76
C GLU B 502 -6.29 -44.49 23.21
N VAL B 503 -6.39 -43.53 24.13
CA VAL B 503 -6.32 -43.74 25.61
C VAL B 503 -7.75 -43.77 26.14
N PRO B 504 -8.26 -44.96 26.57
CA PRO B 504 -9.66 -45.10 26.97
C PRO B 504 -10.11 -44.19 28.12
N ASN B 505 -9.39 -44.22 29.25
CA ASN B 505 -9.77 -43.50 30.51
C ASN B 505 -9.45 -42.02 30.36
N HIS B 506 -10.13 -41.35 29.43
CA HIS B 506 -9.86 -39.95 28.98
C HIS B 506 -11.04 -39.47 28.14
N PRO B 507 -11.50 -38.21 28.30
CA PRO B 507 -12.66 -37.73 27.55
C PRO B 507 -12.48 -37.79 26.02
N TRP B 508 -11.31 -37.42 25.53
CA TRP B 508 -10.96 -37.39 24.08
C TRP B 508 -9.44 -37.40 23.90
N PHE B 509 -8.85 -38.57 23.65
CA PHE B 509 -7.39 -38.75 23.39
C PHE B 509 -7.22 -39.65 22.16
N VAL B 510 -6.92 -39.04 21.01
CA VAL B 510 -6.71 -39.75 19.71
C VAL B 510 -5.37 -39.28 19.13
N ALA B 511 -4.62 -40.20 18.53
CA ALA B 511 -3.36 -39.89 17.82
C ALA B 511 -3.24 -40.82 16.61
N CYS B 512 -2.96 -40.25 15.44
CA CYS B 512 -2.92 -40.97 14.13
C CYS B 512 -1.56 -40.77 13.46
N GLN B 513 -1.16 -41.73 12.64
CA GLN B 513 0.11 -41.71 11.85
C GLN B 513 -0.07 -40.78 10.64
N PHE B 514 -1.21 -40.92 9.96
CA PHE B 514 -1.59 -40.15 8.74
C PHE B 514 -1.86 -38.69 9.10
N HIS B 515 -2.03 -37.85 8.08
CA HIS B 515 -2.20 -36.37 8.19
C HIS B 515 -3.64 -36.02 7.84
N PRO B 516 -4.58 -36.08 8.81
CA PRO B 516 -6.00 -35.83 8.53
C PRO B 516 -6.28 -34.40 8.05
N GLU B 517 -5.39 -33.46 8.39
CA GLU B 517 -5.50 -32.03 8.02
C GLU B 517 -5.57 -31.89 6.48
N PHE B 518 -5.03 -32.85 5.73
CA PHE B 518 -4.96 -32.80 4.24
C PHE B 518 -6.30 -33.16 3.60
N THR B 519 -7.23 -33.78 4.32
CA THR B 519 -8.57 -34.15 3.79
C THR B 519 -9.67 -33.27 4.41
N SER B 520 -9.34 -32.35 5.31
CA SER B 520 -10.29 -31.38 5.91
C SER B 520 -10.59 -30.26 4.91
N THR B 521 -11.86 -29.86 4.81
CA THR B 521 -12.34 -28.71 4.00
C THR B 521 -13.30 -27.88 4.85
N PRO B 522 -13.52 -26.58 4.53
CA PRO B 522 -14.51 -25.78 5.26
C PRO B 522 -15.95 -26.28 5.07
N ARG B 523 -16.27 -26.83 3.88
CA ARG B 523 -17.64 -27.24 3.51
C ARG B 523 -17.97 -28.61 4.15
N ASP B 524 -17.03 -29.55 4.15
CA ASP B 524 -17.27 -30.96 4.61
C ASP B 524 -16.67 -31.18 6.00
N GLY B 525 -15.79 -30.29 6.48
CA GLY B 525 -15.09 -30.46 7.76
C GLY B 525 -14.26 -31.72 7.77
N HIS B 526 -14.05 -32.30 8.95
CA HIS B 526 -13.32 -33.59 9.15
C HIS B 526 -13.77 -34.24 10.46
N PRO B 527 -14.10 -35.55 10.47
CA PRO B 527 -14.62 -36.20 11.67
C PRO B 527 -13.72 -36.07 12.91
N LEU B 528 -12.40 -36.20 12.75
CA LEU B 528 -11.43 -36.13 13.88
C LEU B 528 -11.39 -34.71 14.46
N PHE B 529 -11.25 -33.70 13.59
CA PHE B 529 -11.13 -32.27 13.99
C PHE B 529 -12.46 -31.78 14.57
N ALA B 530 -13.59 -32.17 13.98
CA ALA B 530 -14.94 -31.86 14.48
C ALA B 530 -15.10 -32.43 15.89
N GLY B 531 -14.76 -33.71 16.09
CA GLY B 531 -14.78 -34.40 17.40
C GLY B 531 -13.86 -33.74 18.40
N PHE B 532 -12.64 -33.36 17.97
CA PHE B 532 -11.58 -32.74 18.80
C PHE B 532 -12.06 -31.39 19.35
N VAL B 533 -12.63 -30.53 18.49
CA VAL B 533 -13.08 -29.16 18.86
C VAL B 533 -14.34 -29.27 19.75
N LYS B 534 -15.20 -30.25 19.47
CA LYS B 534 -16.39 -30.57 20.31
C LYS B 534 -15.93 -30.91 21.74
N ALA B 535 -14.92 -31.78 21.87
CA ALA B 535 -14.31 -32.19 23.16
C ALA B 535 -13.70 -30.98 23.86
N ALA B 536 -13.06 -30.08 23.10
CA ALA B 536 -12.46 -28.82 23.60
C ALA B 536 -13.54 -27.94 24.24
N SER B 537 -14.69 -27.80 23.57
CA SER B 537 -15.85 -27.00 24.06
CA SER B 537 -15.85 -27.00 24.06
C SER B 537 -16.45 -27.64 25.32
N GLU B 538 -16.62 -28.97 25.29
CA GLU B 538 -17.17 -29.76 26.43
C GLU B 538 -16.24 -29.62 27.65
N PHE B 539 -14.92 -29.63 27.43
CA PHE B 539 -13.90 -29.42 28.49
C PHE B 539 -14.04 -28.01 29.05
N GLN B 540 -14.11 -27.00 28.18
CA GLN B 540 -14.23 -25.56 28.52
C GLN B 540 -15.47 -25.35 29.42
N LYS B 541 -16.59 -26.01 29.08
CA LYS B 541 -17.86 -25.98 29.85
C LYS B 541 -17.64 -26.49 31.27
N ARG B 542 -16.93 -27.62 31.43
CA ARG B 542 -16.66 -28.27 32.74
C ARG B 542 -15.80 -27.36 33.63
N GLN B 543 -14.90 -26.56 33.03
CA GLN B 543 -14.00 -25.62 33.75
C GLN B 543 -14.74 -24.29 34.00
#